data_1U6S
#
_entry.id   1U6S
#
_cell.length_a   55.570
_cell.length_b   63.190
_cell.length_c   55.330
_cell.angle_alpha   113.25
_cell.angle_beta   100.82
_cell.angle_gamma   92.66
#
_symmetry.space_group_name_H-M   'P 1'
#
loop_
_entity.id
_entity.type
_entity.pdbx_description
1 polymer '3-oxoacyl-[acyl-carrier-protein] synthase III'
2 non-polymer DODECYL-COA
3 water water
#
_entity_poly.entity_id   1
_entity_poly.type   'polypeptide(L)'
_entity_poly.pdbx_seq_one_letter_code
;MTEIATTSGARSVGLLSVGAYRPERVVTNDEICQHIDSSDEWIYTRTGIKTRRFAADDESAASMATEACRRALSNAGLSA
ADIDGVIVTTNTHFLQTPPAAPMVAASLGAKGILGFDLSAGAAGFGYALGAAADMIRGGGAATMLVVGTEKLSPTIDMYD
RGNCFIFADGAAAVVVGETPFQGIGPTVAGSDGEQADAIRQDIDWITFAQNPSGPRPFVRLEGPAVFRWAAFKMGDVGRR
AMDAAGVRPDQIDVFVPHQANSRINELLVKNLQLRPDAVVANDIEHTGNTSAASIPLAMAELLTTGAAKPGDLALLIGYG
AGLSYAAQVVRMPKG
;
_entity_poly.pdbx_strand_id   A,B
#
# COMPACT_ATOMS: atom_id res chain seq x y z
N MET A 1 34.57 6.60 5.50
CA MET A 1 33.34 5.86 5.11
C MET A 1 32.95 4.80 6.15
N THR A 2 31.78 4.98 6.74
CA THR A 2 31.22 4.03 7.71
C THR A 2 30.17 3.17 7.01
N GLU A 3 30.16 1.88 7.30
CA GLU A 3 29.11 1.01 6.77
C GLU A 3 27.82 1.16 7.57
N ILE A 4 26.72 1.32 6.85
CA ILE A 4 25.39 1.43 7.46
C ILE A 4 25.06 0.15 8.23
N ALA A 5 24.57 0.32 9.45
CA ALA A 5 24.22 -0.80 10.32
C ALA A 5 22.97 -1.54 9.85
N THR A 6 22.87 -2.79 10.24
CA THR A 6 21.73 -3.65 9.93
C THR A 6 21.07 -4.04 11.22
N THR A 7 19.75 -3.86 11.30
CA THR A 7 19.01 -4.29 12.48
C THR A 7 18.47 -5.71 12.26
N SER A 8 18.11 -6.39 13.34
CA SER A 8 17.63 -7.76 13.26
C SER A 8 16.40 -7.98 14.11
N GLY A 9 15.43 -8.72 13.56
CA GLY A 9 14.24 -9.08 14.28
C GLY A 9 14.12 -10.57 14.57
N ALA A 10 12.88 -11.03 14.73
CA ALA A 10 12.59 -12.43 15.02
C ALA A 10 12.89 -13.32 13.82
N ARG A 11 13.25 -14.57 14.08
CA ARG A 11 13.44 -15.55 13.01
C ARG A 11 12.12 -16.25 12.69
N SER A 12 11.43 -16.68 13.73
CA SER A 12 10.15 -17.36 13.63
C SER A 12 9.04 -16.36 13.88
N VAL A 13 8.13 -16.26 12.92
CA VAL A 13 7.03 -15.32 13.02
C VAL A 13 5.72 -16.04 12.68
N GLY A 14 4.64 -15.68 13.36
CA GLY A 14 3.38 -16.38 13.19
C GLY A 14 2.12 -15.52 13.28
N LEU A 15 0.98 -16.16 13.03
CA LEU A 15 -0.32 -15.55 13.26
C LEU A 15 -0.75 -15.90 14.69
N LEU A 16 -0.80 -14.90 15.56
CA LEU A 16 -1.17 -15.13 16.96
C LEU A 16 -2.66 -15.29 17.11
N SER A 17 -3.41 -14.51 16.35
CA SER A 17 -4.86 -14.49 16.43
C SER A 17 -5.47 -13.90 15.17
N VAL A 18 -6.79 -14.03 15.07
CA VAL A 18 -7.57 -13.40 14.03
C VAL A 18 -8.85 -12.87 14.65
N GLY A 19 -9.27 -11.70 14.21
CA GLY A 19 -10.54 -11.15 14.66
C GLY A 19 -11.35 -10.81 13.45
N ALA A 20 -12.65 -11.09 13.52
CA ALA A 20 -13.55 -10.87 12.39
C ALA A 20 -14.68 -9.93 12.73
N TYR A 21 -14.86 -8.92 11.89
CA TYR A 21 -16.04 -8.07 11.98
C TYR A 21 -16.91 -8.27 10.75
N ARG A 22 -18.17 -8.67 10.98
CA ARG A 22 -19.15 -8.82 9.92
C ARG A 22 -20.38 -7.92 10.15
N PRO A 23 -20.65 -7.01 9.21
CA PRO A 23 -21.78 -6.08 9.30
C PRO A 23 -23.12 -6.76 9.58
N GLU A 24 -23.96 -6.05 10.32
CA GLU A 24 -25.26 -6.55 10.79
C GLU A 24 -26.22 -6.96 9.67
N ARG A 25 -26.37 -6.10 8.67
CA ARG A 25 -27.38 -6.29 7.62
C ARG A 25 -27.08 -7.44 6.65
N VAL A 26 -28.04 -8.34 6.52
CA VAL A 26 -27.92 -9.50 5.64
C VAL A 26 -28.68 -9.23 4.34
N VAL A 27 -28.02 -9.42 3.21
CA VAL A 27 -28.63 -9.24 1.91
C VAL A 27 -28.76 -10.59 1.20
N THR A 28 -30.00 -11.07 1.07
CA THR A 28 -30.28 -12.35 0.44
C THR A 28 -30.22 -12.25 -1.09
N ASN A 29 -30.10 -13.39 -1.76
CA ASN A 29 -30.06 -13.41 -3.22
C ASN A 29 -31.32 -12.82 -3.87
N ASP A 30 -32.48 -13.10 -3.27
CA ASP A 30 -33.76 -12.55 -3.74
C ASP A 30 -33.78 -11.03 -3.69
N GLU A 31 -33.12 -10.48 -2.67
CA GLU A 31 -32.96 -9.03 -2.49
C GLU A 31 -32.08 -8.43 -3.59
N ILE A 32 -31.04 -9.17 -3.97
CA ILE A 32 -30.18 -8.79 -5.09
C ILE A 32 -30.95 -8.92 -6.41
N CYS A 33 -31.85 -9.91 -6.47
CA CYS A 33 -32.63 -10.22 -7.67
C CYS A 33 -33.78 -9.23 -7.94
N GLN A 34 -33.87 -8.19 -7.13
CA GLN A 34 -34.89 -7.15 -7.33
C GLN A 34 -34.54 -6.20 -8.48
N HIS A 35 -33.29 -6.24 -8.96
CA HIS A 35 -32.83 -5.30 -9.99
C HIS A 35 -32.09 -5.96 -11.17
N ILE A 36 -31.98 -7.29 -11.13
CA ILE A 36 -31.43 -8.06 -12.23
C ILE A 36 -32.36 -9.23 -12.55
N ASP A 37 -32.26 -9.76 -13.77
CA ASP A 37 -33.05 -10.92 -14.16
C ASP A 37 -32.28 -12.20 -13.83
N SER A 38 -32.63 -12.79 -12.69
CA SER A 38 -31.92 -13.96 -12.18
C SER A 38 -32.77 -14.73 -11.17
N SER A 39 -32.14 -15.66 -10.47
CA SER A 39 -32.76 -16.41 -9.39
C SER A 39 -31.75 -16.72 -8.29
N ASP A 40 -32.25 -16.99 -7.10
CA ASP A 40 -31.42 -17.37 -5.96
C ASP A 40 -30.66 -18.66 -6.30
N GLU A 41 -31.37 -19.56 -6.96
CA GLU A 41 -30.79 -20.83 -7.38
C GLU A 41 -29.58 -20.65 -8.30
N TRP A 42 -29.73 -19.79 -9.31
CA TRP A 42 -28.66 -19.51 -10.28
C TRP A 42 -27.40 -18.96 -9.62
N ILE A 43 -27.56 -17.90 -8.83
CA ILE A 43 -26.46 -17.25 -8.13
C ILE A 43 -25.72 -18.25 -7.26
N TYR A 44 -26.47 -19.02 -6.47
CA TYR A 44 -25.88 -20.02 -5.59
C TYR A 44 -25.05 -21.07 -6.35
N THR A 45 -25.62 -21.67 -7.40
CA THR A 45 -24.91 -22.70 -8.14
C THR A 45 -23.77 -22.15 -9.02
N ARG A 46 -23.79 -20.85 -9.31
CA ARG A 46 -22.73 -20.24 -10.13
C ARG A 46 -21.63 -19.55 -9.35
N THR A 47 -21.86 -19.28 -8.06
CA THR A 47 -20.88 -18.59 -7.23
C THR A 47 -20.65 -19.27 -5.88
N GLY A 48 -21.67 -19.99 -5.40
CA GLY A 48 -21.62 -20.60 -4.08
C GLY A 48 -22.16 -19.70 -2.98
N ILE A 49 -22.65 -18.52 -3.37
CA ILE A 49 -23.15 -17.50 -2.44
C ILE A 49 -24.63 -17.67 -2.15
N LYS A 50 -24.99 -17.72 -0.86
CA LYS A 50 -26.39 -17.72 -0.45
C LYS A 50 -26.80 -16.32 0.02
N THR A 51 -25.96 -15.70 0.85
CA THR A 51 -26.17 -14.34 1.33
C THR A 51 -24.84 -13.59 1.48
N ARG A 52 -24.94 -12.28 1.73
CA ARG A 52 -23.78 -11.47 2.06
C ARG A 52 -24.19 -10.34 3.01
N ARG A 53 -23.22 -9.76 3.70
CA ARG A 53 -23.48 -8.69 4.65
C ARG A 53 -23.08 -7.33 4.07
N PHE A 54 -23.93 -6.33 4.25
CA PHE A 54 -23.62 -4.95 3.84
C PHE A 54 -23.51 -4.07 5.07
N ALA A 55 -22.51 -3.18 5.06
CA ALA A 55 -22.27 -2.26 6.18
C ALA A 55 -23.28 -1.13 6.21
N ALA A 56 -23.45 -0.51 7.38
CA ALA A 56 -24.33 0.65 7.54
C ALA A 56 -23.69 1.88 6.90
N ASP A 57 -24.52 2.89 6.60
CA ASP A 57 -24.08 4.14 5.97
C ASP A 57 -22.99 4.85 6.77
N ASP A 58 -23.10 4.81 8.09
CA ASP A 58 -22.12 5.47 8.97
C ASP A 58 -20.83 4.66 9.18
N GLU A 59 -20.77 3.45 8.60
CA GLU A 59 -19.59 2.60 8.68
C GLU A 59 -18.69 2.79 7.47
N SER A 60 -17.40 2.53 7.66
CA SER A 60 -16.42 2.66 6.60
C SER A 60 -15.43 1.49 6.63
N ALA A 61 -14.50 1.49 5.68
CA ALA A 61 -13.44 0.48 5.64
C ALA A 61 -12.51 0.64 6.84
N ALA A 62 -12.21 1.88 7.21
CA ALA A 62 -11.38 2.17 8.39
C ALA A 62 -12.06 1.80 9.72
N SER A 63 -13.35 2.12 9.84
CA SER A 63 -14.09 1.83 11.08
C SER A 63 -14.29 0.34 11.33
N MET A 64 -14.56 -0.42 10.27
CA MET A 64 -14.68 -1.88 10.38
C MET A 64 -13.31 -2.52 10.67
N ALA A 65 -12.26 -1.98 10.04
CA ALA A 65 -10.89 -2.41 10.32
C ALA A 65 -10.55 -2.28 11.81
N THR A 66 -10.96 -1.16 12.40
CA THR A 66 -10.75 -0.90 13.82
C THR A 66 -11.41 -1.95 14.72
N GLU A 67 -12.71 -2.21 14.50
CA GLU A 67 -13.41 -3.24 15.28
C GLU A 67 -12.71 -4.58 15.10
N ALA A 68 -12.34 -4.88 13.86
CA ALA A 68 -11.68 -6.13 13.53
C ALA A 68 -10.36 -6.27 14.29
N CYS A 69 -9.59 -5.18 14.35
CA CYS A 69 -8.34 -5.13 15.12
C CYS A 69 -8.57 -5.32 16.63
N ARG A 70 -9.60 -4.65 17.17
CA ARG A 70 -9.90 -4.77 18.61
C ARG A 70 -10.13 -6.24 18.99
N ARG A 71 -10.90 -6.95 18.18
CA ARG A 71 -11.22 -8.36 18.41
C ARG A 71 -10.00 -9.25 18.26
N ALA A 72 -9.16 -8.95 17.26
CA ALA A 72 -7.93 -9.68 17.02
C ALA A 72 -6.99 -9.52 18.22
N LEU A 73 -6.89 -8.30 18.73
CA LEU A 73 -6.12 -8.01 19.93
C LEU A 73 -6.64 -8.80 21.14
N SER A 74 -7.96 -8.79 21.30
CA SER A 74 -8.65 -9.52 22.36
C SER A 74 -8.38 -11.03 22.29
N ASN A 75 -8.48 -11.61 21.09
CA ASN A 75 -8.25 -13.03 20.90
C ASN A 75 -6.80 -13.46 21.05
N ALA A 76 -5.89 -12.50 21.09
CA ALA A 76 -4.47 -12.75 21.31
C ALA A 76 -4.05 -12.46 22.75
N GLY A 77 -4.96 -11.89 23.53
CA GLY A 77 -4.67 -11.51 24.90
C GLY A 77 -3.74 -10.32 24.99
N LEU A 78 -3.85 -9.42 24.01
CA LEU A 78 -2.98 -8.24 23.93
C LEU A 78 -3.79 -6.95 23.92
N SER A 79 -3.10 -5.83 24.09
CA SER A 79 -3.71 -4.51 23.94
C SER A 79 -2.93 -3.68 22.93
N ALA A 80 -3.51 -2.56 22.50
CA ALA A 80 -2.85 -1.66 21.55
C ALA A 80 -1.37 -1.45 21.87
N ALA A 81 -1.07 -1.34 23.16
CA ALA A 81 0.31 -1.10 23.63
C ALA A 81 1.32 -2.13 23.13
N ASP A 82 0.86 -3.34 22.84
CA ASP A 82 1.74 -4.41 22.36
C ASP A 82 2.05 -4.36 20.87
N ILE A 83 1.37 -3.48 20.14
CA ILE A 83 1.48 -3.40 18.68
C ILE A 83 2.46 -2.32 18.25
N ASP A 84 3.34 -2.66 17.30
CA ASP A 84 4.36 -1.74 16.81
C ASP A 84 3.99 -1.12 15.48
N GLY A 85 3.08 -1.78 14.76
CA GLY A 85 2.69 -1.30 13.46
C GLY A 85 1.42 -1.93 12.92
N VAL A 86 0.75 -1.19 12.05
CA VAL A 86 -0.48 -1.67 11.44
C VAL A 86 -0.43 -1.44 9.92
N ILE A 87 -0.73 -2.48 9.16
CA ILE A 87 -0.91 -2.35 7.71
C ILE A 87 -2.36 -2.65 7.39
N VAL A 88 -3.07 -1.64 6.89
CA VAL A 88 -4.45 -1.81 6.40
C VAL A 88 -4.41 -2.11 4.91
N THR A 89 -4.95 -3.26 4.52
CA THR A 89 -5.08 -3.57 3.10
C THR A 89 -6.56 -3.51 2.69
N THR A 90 -6.83 -2.78 1.61
CA THR A 90 -8.19 -2.50 1.20
C THR A 90 -8.20 -1.92 -0.20
N ASN A 91 -9.39 -1.89 -0.80
CA ASN A 91 -9.60 -1.32 -2.12
C ASN A 91 -10.73 -0.30 -2.05
N THR A 92 -11.27 -0.11 -0.84
CA THR A 92 -12.46 0.71 -0.64
C THR A 92 -12.32 1.80 0.42
N HIS A 93 -11.12 2.31 0.66
CA HIS A 93 -10.92 3.53 1.43
C HIS A 93 -11.21 4.65 0.42
N PHE A 94 -12.31 5.36 0.61
CA PHE A 94 -12.76 6.33 -0.41
C PHE A 94 -12.16 7.73 -0.25
N LEU A 95 -10.90 7.78 0.16
CA LEU A 95 -10.13 9.01 0.28
C LEU A 95 -8.74 8.76 -0.30
N GLN A 96 -8.27 9.68 -1.16
CA GLN A 96 -6.91 9.60 -1.68
C GLN A 96 -5.93 9.73 -0.53
N THR A 97 -6.35 10.47 0.49
CA THR A 97 -5.59 10.68 1.72
C THR A 97 -6.54 11.41 2.68
N PRO A 98 -6.33 11.32 4.00
CA PRO A 98 -5.25 10.56 4.67
C PRO A 98 -5.38 9.03 4.57
N PRO A 99 -4.32 8.28 4.82
CA PRO A 99 -4.40 6.82 4.79
C PRO A 99 -5.28 6.32 5.94
N ALA A 100 -5.84 5.12 5.80
CA ALA A 100 -6.65 4.51 6.85
C ALA A 100 -5.84 4.12 8.10
N ALA A 101 -4.67 3.53 7.89
CA ALA A 101 -3.87 2.96 8.99
C ALA A 101 -3.63 3.86 10.21
N PRO A 102 -3.10 5.08 10.05
CA PRO A 102 -2.94 5.97 11.21
C PRO A 102 -4.26 6.28 11.93
N MET A 103 -5.37 6.33 11.20
CA MET A 103 -6.70 6.57 11.76
C MET A 103 -7.11 5.39 12.65
N VAL A 104 -6.93 4.18 12.13
CA VAL A 104 -7.18 2.95 12.86
C VAL A 104 -6.27 2.85 14.09
N ALA A 105 -4.99 3.18 13.91
CA ALA A 105 -4.03 3.21 15.02
C ALA A 105 -4.48 4.15 16.14
N ALA A 106 -5.04 5.30 15.77
CA ALA A 106 -5.45 6.29 16.75
C ALA A 106 -6.75 5.88 17.47
N SER A 107 -7.67 5.26 16.73
CA SER A 107 -8.90 4.72 17.32
C SER A 107 -8.61 3.59 18.32
N LEU A 108 -7.51 2.87 18.09
CA LEU A 108 -7.12 1.76 18.95
C LEU A 108 -6.40 2.23 20.21
N GLY A 109 -6.07 3.52 20.25
CA GLY A 109 -5.32 4.07 21.36
C GLY A 109 -3.81 3.86 21.23
N ALA A 110 -3.34 3.54 20.03
CA ALA A 110 -1.91 3.52 19.73
C ALA A 110 -1.62 4.48 18.58
N LYS A 111 -1.84 5.77 18.81
CA LYS A 111 -1.81 6.79 17.74
C LYS A 111 -0.43 7.04 17.12
N GLY A 112 0.63 6.59 17.80
CA GLY A 112 1.98 6.83 17.35
C GLY A 112 2.58 5.81 16.38
N ILE A 113 2.13 4.56 16.47
CA ILE A 113 2.74 3.44 15.75
C ILE A 113 2.78 3.62 14.22
N LEU A 114 3.80 3.04 13.60
CA LEU A 114 3.97 3.08 12.14
C LEU A 114 2.83 2.37 11.41
N GLY A 115 2.64 2.72 10.15
CA GLY A 115 1.62 2.08 9.34
C GLY A 115 1.33 2.74 8.00
N PHE A 116 0.74 1.96 7.09
CA PHE A 116 0.38 2.44 5.76
C PHE A 116 -0.75 1.60 5.18
N ASP A 117 -1.35 2.09 4.10
CA ASP A 117 -2.36 1.35 3.34
C ASP A 117 -1.73 0.63 2.16
N LEU A 118 -2.15 -0.61 1.92
CA LEU A 118 -1.67 -1.42 0.81
C LEU A 118 -2.83 -1.82 -0.10
N SER A 119 -2.71 -1.53 -1.38
CA SER A 119 -3.73 -1.93 -2.35
C SER A 119 -3.15 -2.89 -3.38
N ALA A 120 -3.84 -4.01 -3.56
CA ALA A 120 -3.44 -5.02 -4.54
C ALA A 120 -4.61 -5.92 -4.88
N GLY A 121 -5.80 -5.35 -4.98
CA GLY A 121 -7.00 -6.14 -5.16
C GLY A 121 -7.12 -7.14 -4.02
N ALA A 122 -7.63 -8.33 -4.31
CA ALA A 122 -7.88 -9.33 -3.28
C ALA A 122 -6.58 -9.97 -2.76
N ALA A 123 -5.48 -9.70 -3.47
CA ALA A 123 -4.15 -10.19 -3.12
C ALA A 123 -3.51 -9.33 -2.04
N GLY A 124 -4.16 -8.21 -1.72
CA GLY A 124 -3.71 -7.32 -0.66
C GLY A 124 -3.29 -8.03 0.61
N PHE A 125 -4.15 -8.90 1.14
CA PHE A 125 -3.85 -9.61 2.39
C PHE A 125 -2.50 -10.32 2.36
N GLY A 126 -2.32 -11.19 1.36
CA GLY A 126 -1.07 -11.91 1.19
C GLY A 126 0.14 -11.01 1.10
N TYR A 127 0.04 -9.91 0.36
CA TYR A 127 1.13 -8.92 0.28
C TYR A 127 1.36 -8.26 1.64
N ALA A 128 0.26 -7.85 2.27
CA ALA A 128 0.32 -7.22 3.59
C ALA A 128 0.92 -8.16 4.64
N LEU A 129 0.48 -9.42 4.62
CA LEU A 129 1.01 -10.42 5.54
C LEU A 129 2.50 -10.62 5.30
N GLY A 130 2.86 -10.79 4.02
CA GLY A 130 4.24 -10.98 3.64
C GLY A 130 5.10 -9.81 4.08
N ALA A 131 4.60 -8.60 3.86
CA ALA A 131 5.30 -7.38 4.27
C ALA A 131 5.46 -7.29 5.79
N ALA A 132 4.41 -7.61 6.55
CA ALA A 132 4.49 -7.57 8.01
C ALA A 132 5.53 -8.55 8.53
N ALA A 133 5.56 -9.76 7.94
CA ALA A 133 6.53 -10.78 8.31
C ALA A 133 7.95 -10.32 7.99
N ASP A 134 8.12 -9.69 6.82
CA ASP A 134 9.42 -9.17 6.42
C ASP A 134 9.93 -8.07 7.34
N MET A 135 9.05 -7.13 7.68
CA MET A 135 9.38 -6.04 8.59
C MET A 135 9.70 -6.53 10.00
N ILE A 136 8.94 -7.51 10.48
CA ILE A 136 9.17 -8.05 11.81
C ILE A 136 10.51 -8.78 11.86
N ARG A 137 10.76 -9.64 10.89
CA ARG A 137 12.02 -10.39 10.79
C ARG A 137 13.21 -9.46 10.56
N GLY A 138 12.99 -8.39 9.79
CA GLY A 138 14.00 -7.39 9.54
C GLY A 138 14.27 -6.53 10.77
N GLY A 139 13.35 -6.54 11.73
CA GLY A 139 13.53 -5.80 12.97
C GLY A 139 13.02 -4.37 12.95
N GLY A 140 12.12 -4.06 12.02
CA GLY A 140 11.46 -2.76 12.00
C GLY A 140 10.30 -2.72 12.97
N ALA A 141 9.96 -3.89 13.53
CA ALA A 141 8.82 -4.04 14.42
C ALA A 141 8.88 -5.44 15.01
N ALA A 142 8.22 -5.66 16.15
CA ALA A 142 8.16 -6.98 16.79
C ALA A 142 6.78 -7.62 16.63
N THR A 143 5.74 -6.82 16.84
CA THR A 143 4.36 -7.30 16.73
C THR A 143 3.56 -6.33 15.88
N MET A 144 2.74 -6.86 14.99
CA MET A 144 2.00 -6.03 14.06
C MET A 144 0.56 -6.50 13.87
N LEU A 145 -0.31 -5.58 13.47
CA LEU A 145 -1.64 -5.90 12.97
C LEU A 145 -1.65 -5.79 11.46
N VAL A 146 -2.21 -6.80 10.82
CA VAL A 146 -2.48 -6.75 9.39
C VAL A 146 -3.99 -6.96 9.25
N VAL A 147 -4.69 -5.96 8.74
CA VAL A 147 -6.13 -6.01 8.68
C VAL A 147 -6.65 -5.81 7.26
N GLY A 148 -7.41 -6.79 6.80
CA GLY A 148 -8.06 -6.71 5.50
C GLY A 148 -9.45 -6.16 5.72
N THR A 149 -9.81 -5.12 4.97
CA THR A 149 -11.10 -4.47 5.16
C THR A 149 -11.70 -4.03 3.84
N GLU A 150 -13.02 -4.09 3.76
CA GLU A 150 -13.67 -3.76 2.51
C GLU A 150 -15.09 -3.30 2.73
N LYS A 151 -15.42 -2.12 2.22
CA LYS A 151 -16.80 -1.67 2.09
C LYS A 151 -17.19 -1.58 0.62
N LEU A 152 -17.33 -2.73 -0.04
CA LEU A 152 -17.59 -2.77 -1.49
C LEU A 152 -19.00 -2.38 -1.92
N SER A 153 -19.97 -2.51 -1.01
CA SER A 153 -21.38 -2.34 -1.36
C SER A 153 -21.75 -1.02 -2.06
N PRO A 154 -21.18 0.12 -1.64
CA PRO A 154 -21.45 1.39 -2.33
C PRO A 154 -20.83 1.49 -3.75
N THR A 155 -20.03 0.50 -4.14
CA THR A 155 -19.43 0.51 -5.48
C THR A 155 -20.14 -0.43 -6.45
N ILE A 156 -21.13 -1.15 -5.95
CA ILE A 156 -21.88 -2.10 -6.77
C ILE A 156 -22.96 -1.39 -7.59
N ASP A 157 -23.00 -1.70 -8.88
CA ASP A 157 -24.09 -1.30 -9.77
C ASP A 157 -25.13 -2.40 -9.63
N MET A 158 -26.19 -2.13 -8.86
CA MET A 158 -27.20 -3.14 -8.55
C MET A 158 -27.94 -3.70 -9.78
N TYR A 159 -27.75 -3.07 -10.92
CA TYR A 159 -28.34 -3.53 -12.18
C TYR A 159 -27.36 -4.34 -13.03
N ASP A 160 -26.08 -4.36 -12.62
CA ASP A 160 -25.07 -5.12 -13.33
C ASP A 160 -25.27 -6.61 -13.07
N ARG A 161 -25.89 -7.27 -14.04
CA ARG A 161 -26.25 -8.69 -14.00
C ARG A 161 -25.05 -9.60 -13.89
N GLY A 162 -23.85 -9.04 -14.04
CA GLY A 162 -22.62 -9.81 -14.04
C GLY A 162 -21.86 -9.85 -12.73
N ASN A 163 -22.18 -8.96 -11.80
CA ASN A 163 -21.39 -8.86 -10.57
C ASN A 163 -22.07 -8.38 -9.30
N CYS A 164 -23.28 -7.81 -9.41
CA CYS A 164 -23.96 -7.21 -8.24
C CYS A 164 -24.14 -8.15 -7.05
N PHE A 165 -24.17 -9.45 -7.33
CA PHE A 165 -24.34 -10.46 -6.31
C PHE A 165 -23.01 -11.01 -5.76
N ILE A 166 -21.88 -10.48 -6.23
CA ILE A 166 -20.57 -11.02 -5.85
C ILE A 166 -19.94 -10.37 -4.61
N PHE A 167 -19.82 -9.04 -4.61
CA PHE A 167 -19.05 -8.34 -3.58
C PHE A 167 -19.84 -7.98 -2.31
N ALA A 168 -19.11 -7.93 -1.19
CA ALA A 168 -19.75 -7.70 0.11
C ALA A 168 -18.85 -6.93 1.08
N ASP A 169 -19.41 -6.59 2.24
CA ASP A 169 -18.67 -5.85 3.27
C ASP A 169 -18.20 -6.72 4.43
N GLY A 170 -17.17 -6.24 5.12
CA GLY A 170 -16.59 -6.93 6.25
C GLY A 170 -15.13 -6.56 6.44
N ALA A 171 -14.58 -6.98 7.57
CA ALA A 171 -13.16 -6.78 7.87
C ALA A 171 -12.68 -7.86 8.83
N ALA A 172 -11.41 -8.23 8.71
CA ALA A 172 -10.78 -9.12 9.67
C ALA A 172 -9.29 -8.81 9.75
N ALA A 173 -8.73 -8.98 10.95
CA ALA A 173 -7.33 -8.69 11.21
C ALA A 173 -6.62 -9.88 11.84
N VAL A 174 -5.31 -9.94 11.63
CA VAL A 174 -4.47 -10.93 12.28
C VAL A 174 -3.44 -10.19 13.12
N VAL A 175 -3.08 -10.75 14.27
CA VAL A 175 -1.92 -10.26 15.01
C VAL A 175 -0.74 -11.11 14.56
N VAL A 176 0.33 -10.43 14.15
CA VAL A 176 1.55 -11.08 13.69
C VAL A 176 2.68 -10.73 14.63
N GLY A 177 3.42 -11.74 15.07
CA GLY A 177 4.50 -11.56 16.02
C GLY A 177 5.33 -12.82 16.14
N GLU A 178 6.33 -12.79 17.02
CA GLU A 178 7.26 -13.90 17.19
C GLU A 178 6.57 -15.13 17.79
N THR A 179 6.84 -16.28 17.20
CA THR A 179 6.36 -17.57 17.70
C THR A 179 7.54 -18.54 17.93
N PRO A 180 7.35 -19.56 18.76
CA PRO A 180 8.39 -20.59 18.95
C PRO A 180 8.84 -21.27 17.65
N PHE A 181 7.92 -21.46 16.71
CA PHE A 181 8.23 -22.12 15.43
C PHE A 181 7.66 -21.37 14.24
N GLN A 182 8.38 -21.46 13.11
CA GLN A 182 8.07 -20.73 11.89
C GLN A 182 6.61 -20.87 11.48
N GLY A 183 5.87 -19.76 11.57
CA GLY A 183 4.44 -19.79 11.34
C GLY A 183 3.99 -19.23 10.00
N ILE A 184 4.88 -18.52 9.30
CA ILE A 184 4.54 -17.93 8.00
C ILE A 184 5.57 -18.27 6.94
N GLY A 185 5.15 -19.05 5.95
CA GLY A 185 6.02 -19.42 4.83
C GLY A 185 6.42 -18.23 3.98
N PRO A 186 7.35 -18.43 3.06
CA PRO A 186 7.74 -17.36 2.14
C PRO A 186 6.60 -16.97 1.20
N THR A 187 6.50 -15.68 0.92
CA THR A 187 5.49 -15.16 0.00
C THR A 187 5.83 -15.58 -1.43
N VAL A 188 4.82 -16.05 -2.15
CA VAL A 188 4.91 -16.29 -3.58
C VAL A 188 3.88 -15.35 -4.20
N ALA A 189 4.34 -14.49 -5.11
CA ALA A 189 3.46 -13.46 -5.63
C ALA A 189 3.83 -13.07 -7.03
N GLY A 190 2.86 -12.45 -7.71
CA GLY A 190 3.05 -11.97 -9.06
C GLY A 190 1.79 -11.27 -9.50
N SER A 191 1.65 -11.11 -10.82
CA SER A 191 0.50 -10.43 -11.38
C SER A 191 0.30 -10.69 -12.87
N ASP A 192 -0.68 -10.01 -13.44
CA ASP A 192 -0.90 -10.02 -14.87
C ASP A 192 -1.48 -8.68 -15.30
N GLY A 193 -0.59 -7.70 -15.45
CA GLY A 193 -0.97 -6.35 -15.84
C GLY A 193 -1.66 -6.20 -17.19
N GLU A 194 -1.57 -7.20 -18.05
CA GLU A 194 -2.23 -7.16 -19.36
C GLU A 194 -3.76 -7.30 -19.24
N GLN A 195 -4.21 -7.77 -18.08
CA GLN A 195 -5.62 -8.01 -17.81
C GLN A 195 -6.11 -7.08 -16.70
N ALA A 196 -5.54 -5.88 -16.65
CA ALA A 196 -5.91 -4.88 -15.66
C ALA A 196 -7.38 -4.47 -15.75
N ASP A 197 -7.97 -4.62 -16.94
CA ASP A 197 -9.37 -4.26 -17.17
C ASP A 197 -10.37 -5.31 -16.65
N ALA A 198 -9.85 -6.47 -16.27
CA ALA A 198 -10.70 -7.60 -15.86
C ALA A 198 -11.59 -7.26 -14.68
N ILE A 199 -11.02 -6.60 -13.68
CA ILE A 199 -11.75 -6.16 -12.48
C ILE A 199 -11.33 -4.72 -12.25
N ARG A 200 -12.29 -3.80 -12.25
CA ARG A 200 -11.93 -2.38 -12.28
C ARG A 200 -13.04 -1.39 -11.87
N GLN A 201 -12.59 -0.18 -11.55
CA GLN A 201 -13.46 0.99 -11.51
C GLN A 201 -13.47 1.51 -12.93
N ASP A 202 -14.67 1.61 -13.54
CA ASP A 202 -14.79 1.97 -14.95
C ASP A 202 -14.46 3.42 -15.26
N ILE A 203 -14.89 4.33 -14.39
CA ILE A 203 -14.60 5.76 -14.57
C ILE A 203 -13.71 6.25 -13.45
N ASP A 204 -12.56 6.81 -13.77
CA ASP A 204 -11.64 7.31 -12.74
C ASP A 204 -12.26 8.52 -12.05
N TRP A 205 -11.86 8.74 -10.81
CA TRP A 205 -12.49 9.76 -9.97
C TRP A 205 -12.41 11.17 -10.52
N ILE A 206 -11.25 11.54 -11.08
CA ILE A 206 -11.06 12.90 -11.60
C ILE A 206 -11.92 13.17 -12.82
N THR A 207 -11.96 12.21 -13.76
CA THR A 207 -12.87 12.33 -14.92
C THR A 207 -14.28 12.52 -14.39
N PHE A 208 -14.68 11.68 -13.43
CA PHE A 208 -16.00 11.77 -12.82
C PHE A 208 -16.24 13.13 -12.16
N ALA A 209 -15.25 13.59 -11.41
CA ALA A 209 -15.35 14.87 -10.71
C ALA A 209 -15.57 16.07 -11.65
N GLN A 210 -15.14 15.94 -12.90
CA GLN A 210 -15.29 17.04 -13.88
C GLN A 210 -16.60 16.93 -14.65
N ASN A 211 -17.38 15.89 -14.35
CA ASN A 211 -18.73 15.71 -14.87
C ASN A 211 -19.59 14.90 -13.89
N PRO A 212 -19.77 15.43 -12.68
CA PRO A 212 -20.44 14.71 -11.59
C PRO A 212 -21.87 14.26 -11.91
N SER A 213 -22.65 15.10 -12.57
CA SER A 213 -24.05 14.80 -12.89
C SER A 213 -24.22 13.72 -13.96
N GLY A 214 -23.18 13.46 -14.73
CA GLY A 214 -23.18 12.37 -15.69
C GLY A 214 -23.05 11.02 -14.98
N PRO A 215 -22.82 9.94 -15.74
CA PRO A 215 -22.65 8.60 -15.14
C PRO A 215 -21.57 8.57 -14.06
N ARG A 216 -21.84 7.84 -12.98
CA ARG A 216 -20.90 7.69 -11.88
C ARG A 216 -20.12 6.38 -11.98
N PRO A 217 -18.97 6.27 -11.30
CA PRO A 217 -18.17 5.04 -11.38
C PRO A 217 -18.82 3.89 -10.61
N PHE A 218 -18.62 2.69 -11.13
CA PHE A 218 -19.09 1.46 -10.50
C PHE A 218 -18.03 0.39 -10.72
N VAL A 219 -18.07 -0.66 -9.91
CA VAL A 219 -17.18 -1.81 -10.11
C VAL A 219 -17.67 -2.61 -11.33
N ARG A 220 -16.75 -2.89 -12.24
CA ARG A 220 -17.04 -3.65 -13.44
C ARG A 220 -16.14 -4.84 -13.45
N LEU A 221 -16.62 -5.93 -14.06
CA LEU A 221 -15.93 -7.20 -13.99
C LEU A 221 -16.16 -8.08 -15.21
N GLU A 222 -15.07 -8.46 -15.86
CA GLU A 222 -15.09 -9.45 -16.94
CA GLU A 222 -15.17 -9.43 -16.96
C GLU A 222 -14.95 -10.84 -16.31
C GLU A 222 -14.99 -10.86 -16.39
N GLY A 223 -16.04 -11.31 -15.70
CA GLY A 223 -16.08 -12.56 -14.96
C GLY A 223 -15.49 -13.83 -15.57
N PRO A 224 -15.92 -14.21 -16.78
CA PRO A 224 -15.36 -15.40 -17.44
C PRO A 224 -13.83 -15.35 -17.58
N ALA A 225 -13.26 -14.17 -17.88
CA ALA A 225 -11.81 -14.01 -17.98
C ALA A 225 -11.10 -14.27 -16.64
N VAL A 226 -11.63 -13.67 -15.58
CA VAL A 226 -11.10 -13.85 -14.23
C VAL A 226 -11.23 -15.32 -13.80
N PHE A 227 -12.43 -15.88 -13.97
CA PHE A 227 -12.66 -17.31 -13.74
C PHE A 227 -11.58 -18.16 -14.42
N ARG A 228 -11.40 -17.93 -15.72
CA ARG A 228 -10.41 -18.64 -16.51
C ARG A 228 -9.01 -18.48 -15.93
N TRP A 229 -8.61 -17.22 -15.73
CA TRP A 229 -7.27 -16.91 -15.23
C TRP A 229 -6.99 -17.59 -13.89
N ALA A 230 -7.94 -17.46 -12.95
CA ALA A 230 -7.76 -18.01 -11.61
C ALA A 230 -7.70 -19.52 -11.60
N ALA A 231 -8.65 -20.18 -12.25
CA ALA A 231 -8.72 -21.64 -12.25
C ALA A 231 -7.55 -22.28 -12.97
N PHE A 232 -7.00 -21.56 -13.94
CA PHE A 232 -5.93 -22.07 -14.77
C PHE A 232 -4.54 -21.81 -14.16
N LYS A 233 -4.44 -20.75 -13.36
CA LYS A 233 -3.13 -20.28 -12.92
C LYS A 233 -2.83 -20.44 -11.44
N MET A 234 -3.87 -20.51 -10.60
CA MET A 234 -3.66 -20.51 -9.15
C MET A 234 -3.18 -21.83 -8.55
N GLY A 235 -3.28 -22.91 -9.33
CA GLY A 235 -2.74 -24.19 -8.93
C GLY A 235 -1.22 -24.15 -8.86
N ASP A 236 -0.59 -23.54 -9.86
CA ASP A 236 0.87 -23.42 -9.88
C ASP A 236 1.38 -22.45 -8.83
N VAL A 237 0.60 -21.40 -8.59
CA VAL A 237 0.92 -20.45 -7.53
C VAL A 237 0.96 -21.19 -6.19
N GLY A 238 -0.09 -21.96 -5.91
CA GLY A 238 -0.15 -22.72 -4.67
C GLY A 238 1.03 -23.64 -4.54
N ARG A 239 1.32 -24.36 -5.61
CA ARG A 239 2.44 -25.30 -5.65
C ARG A 239 3.78 -24.62 -5.37
N ARG A 240 3.97 -23.42 -5.91
CA ARG A 240 5.18 -22.65 -5.64
C ARG A 240 5.28 -22.22 -4.17
N ALA A 241 4.14 -21.81 -3.60
CA ALA A 241 4.10 -21.40 -2.19
C ALA A 241 4.42 -22.57 -1.24
N MET A 242 3.91 -23.74 -1.59
CA MET A 242 4.13 -24.95 -0.80
C MET A 242 5.58 -25.42 -0.92
N ASP A 243 6.13 -25.41 -2.14
CA ASP A 243 7.53 -25.71 -2.38
C ASP A 243 8.46 -24.75 -1.64
N ALA A 244 8.11 -23.46 -1.65
CA ALA A 244 8.86 -22.45 -0.90
C ALA A 244 8.86 -22.77 0.60
N ALA A 245 7.67 -23.07 1.15
CA ALA A 245 7.53 -23.45 2.55
C ALA A 245 8.12 -24.82 2.88
N GLY A 246 8.52 -25.57 1.86
CA GLY A 246 9.05 -26.92 2.04
C GLY A 246 8.03 -27.91 2.57
N VAL A 247 6.77 -27.74 2.17
CA VAL A 247 5.72 -28.66 2.57
C VAL A 247 5.10 -29.34 1.36
N ARG A 248 4.58 -30.55 1.54
CA ARG A 248 3.91 -31.26 0.46
C ARG A 248 2.41 -30.94 0.48
N PRO A 249 1.76 -31.05 -0.67
CA PRO A 249 0.30 -30.89 -0.75
C PRO A 249 -0.47 -31.82 0.19
N ASP A 250 0.02 -33.04 0.40
CA ASP A 250 -0.66 -33.98 1.30
C ASP A 250 -0.55 -33.56 2.78
N GLN A 251 0.22 -32.52 3.05
CA GLN A 251 0.44 -32.06 4.43
C GLN A 251 -0.42 -30.86 4.82
N ILE A 252 -1.06 -30.24 3.84
CA ILE A 252 -1.97 -29.12 4.10
C ILE A 252 -3.25 -29.64 4.77
N ASP A 253 -3.60 -29.06 5.93
CA ASP A 253 -4.84 -29.45 6.62
C ASP A 253 -5.98 -28.49 6.31
N VAL A 254 -5.63 -27.29 5.81
CA VAL A 254 -6.60 -26.23 5.62
C VAL A 254 -6.25 -25.43 4.38
N PHE A 255 -7.21 -25.32 3.46
CA PHE A 255 -7.06 -24.51 2.28
C PHE A 255 -7.92 -23.25 2.41
N VAL A 256 -7.28 -22.08 2.35
CA VAL A 256 -8.00 -20.81 2.44
C VAL A 256 -7.71 -19.91 1.22
N PRO A 257 -8.37 -20.18 0.11
CA PRO A 257 -8.24 -19.29 -1.06
C PRO A 257 -9.11 -18.06 -0.88
N HIS A 258 -8.78 -16.99 -1.59
CA HIS A 258 -9.61 -15.82 -1.62
C HIS A 258 -11.02 -16.25 -2.02
N GLN A 259 -12.03 -15.82 -1.26
CA GLN A 259 -13.40 -16.23 -1.50
C GLN A 259 -14.02 -15.42 -2.65
N ALA A 260 -13.60 -15.74 -3.88
CA ALA A 260 -14.09 -15.05 -5.07
C ALA A 260 -15.29 -15.76 -5.67
N ASN A 261 -15.28 -17.09 -5.62
CA ASN A 261 -16.23 -17.92 -6.32
C ASN A 261 -15.98 -19.35 -5.85
N SER A 262 -17.04 -20.04 -5.43
CA SER A 262 -16.89 -21.42 -4.95
C SER A 262 -16.58 -22.43 -6.08
N ARG A 263 -16.94 -22.12 -7.32
CA ARG A 263 -16.60 -22.98 -8.47
C ARG A 263 -15.10 -22.96 -8.76
N ILE A 264 -14.49 -21.77 -8.69
CA ILE A 264 -13.06 -21.60 -8.91
C ILE A 264 -12.29 -22.34 -7.80
N ASN A 265 -12.70 -22.09 -6.56
CA ASN A 265 -12.01 -22.65 -5.42
C ASN A 265 -12.02 -24.18 -5.36
N GLU A 266 -13.14 -24.80 -5.71
CA GLU A 266 -13.22 -26.25 -5.72
C GLU A 266 -12.39 -26.85 -6.84
N LEU A 267 -12.30 -26.15 -7.97
CA LEU A 267 -11.39 -26.56 -9.03
C LEU A 267 -9.96 -26.51 -8.55
N LEU A 268 -9.61 -25.47 -7.79
CA LEU A 268 -8.25 -25.34 -7.24
C LEU A 268 -7.90 -26.43 -6.22
N VAL A 269 -8.89 -26.89 -5.45
CA VAL A 269 -8.73 -28.02 -4.53
C VAL A 269 -8.25 -29.25 -5.30
N LYS A 270 -9.04 -29.67 -6.30
CA LYS A 270 -8.71 -30.83 -7.13
C LYS A 270 -7.35 -30.64 -7.78
N ASN A 271 -7.10 -29.42 -8.25
CA ASN A 271 -5.87 -29.08 -8.94
C ASN A 271 -4.62 -29.19 -8.06
N LEU A 272 -4.69 -28.67 -6.84
CA LEU A 272 -3.57 -28.72 -5.91
C LEU A 272 -3.39 -30.14 -5.35
N GLN A 273 -4.45 -30.93 -5.50
CA GLN A 273 -4.48 -32.34 -5.08
C GLN A 273 -4.20 -32.47 -3.59
N LEU A 274 -4.91 -31.68 -2.80
CA LEU A 274 -4.86 -31.83 -1.35
C LEU A 274 -5.50 -33.16 -0.98
N ARG A 275 -5.23 -33.65 0.22
CA ARG A 275 -5.82 -34.92 0.66
C ARG A 275 -7.35 -34.82 0.83
N PRO A 276 -8.06 -35.93 0.66
CA PRO A 276 -9.53 -35.97 0.76
C PRO A 276 -10.17 -35.20 1.93
N ASP A 277 -9.55 -35.26 3.12
CA ASP A 277 -10.16 -34.72 4.33
C ASP A 277 -9.77 -33.28 4.64
N ALA A 278 -8.92 -32.70 3.79
CA ALA A 278 -8.43 -31.34 4.00
C ALA A 278 -9.59 -30.35 4.06
N VAL A 279 -9.53 -29.42 5.02
CA VAL A 279 -10.60 -28.46 5.25
C VAL A 279 -10.50 -27.28 4.27
N VAL A 280 -11.60 -27.02 3.56
CA VAL A 280 -11.64 -25.99 2.52
C VAL A 280 -12.56 -24.85 2.95
N ALA A 281 -12.02 -23.64 2.99
CA ALA A 281 -12.78 -22.46 3.37
C ALA A 281 -13.95 -22.23 2.41
N ASN A 282 -15.13 -22.02 2.98
CA ASN A 282 -16.31 -21.76 2.16
C ASN A 282 -17.16 -20.62 2.73
N ASP A 283 -16.48 -19.72 3.45
CA ASP A 283 -17.10 -18.54 4.05
C ASP A 283 -17.94 -17.75 3.03
N ILE A 284 -17.58 -17.87 1.75
CA ILE A 284 -18.30 -17.18 0.68
C ILE A 284 -19.81 -17.41 0.73
N GLU A 285 -20.21 -18.56 1.28
CA GLU A 285 -21.62 -18.93 1.38
C GLU A 285 -22.49 -17.82 2.00
N HIS A 286 -22.07 -17.25 3.13
CA HIS A 286 -22.84 -16.20 3.78
C HIS A 286 -22.05 -14.91 4.04
N THR A 287 -20.91 -14.79 3.36
CA THR A 287 -20.09 -13.59 3.45
C THR A 287 -19.96 -12.92 2.09
N GLY A 288 -20.05 -13.71 1.03
CA GLY A 288 -19.83 -13.20 -0.31
C GLY A 288 -18.34 -12.97 -0.56
N ASN A 289 -18.03 -12.23 -1.60
CA ASN A 289 -16.66 -11.87 -1.91
C ASN A 289 -16.29 -10.55 -1.23
N THR A 290 -15.40 -10.60 -0.24
CA THR A 290 -14.98 -9.38 0.45
C THR A 290 -13.53 -8.97 0.14
N SER A 291 -13.08 -9.29 -1.08
CA SER A 291 -11.74 -8.93 -1.55
C SER A 291 -10.62 -9.06 -0.53
N ALA A 292 -9.93 -7.96 -0.25
CA ALA A 292 -8.79 -7.94 0.66
C ALA A 292 -9.07 -8.61 2.02
N ALA A 293 -10.32 -8.54 2.46
CA ALA A 293 -10.73 -9.08 3.76
C ALA A 293 -11.16 -10.56 3.74
N SER A 294 -11.36 -11.13 2.56
CA SER A 294 -11.90 -12.48 2.47
C SER A 294 -11.07 -13.58 3.16
N ILE A 295 -9.76 -13.56 3.00
CA ILE A 295 -8.93 -14.64 3.57
C ILE A 295 -8.96 -14.64 5.10
N PRO A 296 -8.63 -13.51 5.74
CA PRO A 296 -8.74 -13.43 7.20
C PRO A 296 -10.18 -13.70 7.71
N LEU A 297 -11.20 -13.21 7.00
CA LEU A 297 -12.57 -13.50 7.39
C LEU A 297 -12.88 -15.00 7.35
N ALA A 298 -12.44 -15.65 6.27
CA ALA A 298 -12.61 -17.09 6.08
C ALA A 298 -11.79 -17.91 7.07
N MET A 299 -10.60 -17.44 7.42
CA MET A 299 -9.77 -18.08 8.45
C MET A 299 -10.56 -18.10 9.75
N ALA A 300 -11.11 -16.94 10.10
CA ALA A 300 -11.91 -16.79 11.30
C ALA A 300 -13.13 -17.68 11.31
N GLU A 301 -13.77 -17.85 10.16
CA GLU A 301 -14.97 -18.66 10.05
C GLU A 301 -14.67 -20.13 10.36
N LEU A 302 -13.54 -20.62 9.85
CA LEU A 302 -13.17 -22.01 10.04
C LEU A 302 -12.87 -22.29 11.51
N LEU A 303 -12.25 -21.32 12.18
CA LEU A 303 -11.88 -21.49 13.58
C LEU A 303 -13.07 -21.43 14.54
N THR A 304 -14.02 -20.53 14.27
CA THR A 304 -15.20 -20.41 15.14
C THR A 304 -16.13 -21.61 15.04
N THR A 305 -16.06 -22.34 13.93
CA THR A 305 -16.87 -23.55 13.76
C THR A 305 -16.12 -24.82 14.15
N GLY A 306 -14.83 -24.69 14.48
CA GLY A 306 -14.04 -25.84 14.88
C GLY A 306 -13.52 -26.67 13.70
N ALA A 307 -14.03 -26.40 12.50
CA ALA A 307 -13.56 -27.11 11.30
C ALA A 307 -12.04 -27.01 11.17
N ALA A 308 -11.49 -25.87 11.54
CA ALA A 308 -10.04 -25.71 11.67
C ALA A 308 -9.66 -25.56 13.13
N LYS A 309 -8.45 -25.97 13.46
CA LYS A 309 -7.90 -25.78 14.80
C LYS A 309 -6.68 -24.87 14.67
N PRO A 310 -6.35 -24.11 15.72
CA PRO A 310 -5.12 -23.32 15.72
C PRO A 310 -3.92 -24.26 15.63
N GLY A 311 -2.96 -23.93 14.76
CA GLY A 311 -1.81 -24.79 14.55
C GLY A 311 -1.85 -25.61 13.26
N ASP A 312 -3.03 -25.70 12.65
CA ASP A 312 -3.17 -26.41 11.37
C ASP A 312 -2.33 -25.76 10.28
N LEU A 313 -1.79 -26.59 9.40
CA LEU A 313 -1.01 -26.13 8.26
C LEU A 313 -1.94 -25.66 7.15
N ALA A 314 -1.92 -24.35 6.88
CA ALA A 314 -2.84 -23.75 5.91
C ALA A 314 -2.14 -23.17 4.68
N LEU A 315 -2.79 -23.32 3.53
CA LEU A 315 -2.34 -22.67 2.31
C LEU A 315 -3.28 -21.51 2.02
N LEU A 316 -2.73 -20.30 1.92
CA LEU A 316 -3.52 -19.13 1.57
C LEU A 316 -3.19 -18.70 0.15
N ILE A 317 -4.23 -18.45 -0.65
CA ILE A 317 -4.04 -17.97 -2.01
C ILE A 317 -4.95 -16.80 -2.30
N GLY A 318 -4.37 -15.63 -2.52
CA GLY A 318 -5.11 -14.45 -2.90
C GLY A 318 -4.90 -14.12 -4.36
N TYR A 319 -6.01 -13.80 -5.05
CA TYR A 319 -5.97 -13.45 -6.46
C TYR A 319 -7.10 -12.46 -6.77
N GLY A 320 -6.83 -11.51 -7.66
CA GLY A 320 -7.86 -10.56 -8.03
C GLY A 320 -7.37 -9.40 -8.85
N ALA A 321 -7.94 -8.22 -8.58
CA ALA A 321 -7.76 -7.03 -9.41
C ALA A 321 -6.32 -6.61 -9.73
N GLY A 322 -6.18 -5.83 -10.81
CA GLY A 322 -4.91 -5.44 -11.36
C GLY A 322 -4.48 -6.65 -12.13
N LEU A 323 -5.06 -7.74 -11.65
CA LEU A 323 -4.59 -9.10 -11.82
C LEU A 323 -3.31 -9.13 -11.01
N SER A 324 -3.51 -9.39 -9.71
CA SER A 324 -2.45 -9.57 -8.72
C SER A 324 -2.71 -10.90 -8.03
N TYR A 325 -1.67 -11.50 -7.47
CA TYR A 325 -1.83 -12.71 -6.68
C TYR A 325 -0.73 -12.86 -5.64
N ALA A 326 -1.11 -13.37 -4.47
CA ALA A 326 -0.17 -13.59 -3.36
C ALA A 326 -0.59 -14.81 -2.57
N ALA A 327 0.39 -15.65 -2.26
CA ALA A 327 0.14 -16.91 -1.58
C ALA A 327 1.25 -17.27 -0.59
N GLN A 328 0.87 -17.99 0.45
CA GLN A 328 1.82 -18.48 1.44
C GLN A 328 1.21 -19.57 2.31
N VAL A 329 2.08 -20.43 2.83
CA VAL A 329 1.69 -21.42 3.81
C VAL A 329 1.83 -20.77 5.18
N VAL A 330 0.91 -21.09 6.09
CA VAL A 330 0.94 -20.57 7.45
C VAL A 330 0.34 -21.57 8.43
N ARG A 331 0.50 -21.27 9.72
CA ARG A 331 -0.13 -22.02 10.78
C ARG A 331 -1.33 -21.21 11.26
N MET A 332 -2.47 -21.86 11.44
CA MET A 332 -3.69 -21.17 11.83
C MET A 332 -3.54 -20.48 13.19
N PRO A 333 -4.06 -19.27 13.32
CA PRO A 333 -3.93 -18.48 14.55
C PRO A 333 -4.95 -18.82 15.66
N LYS A 334 -5.13 -17.84 16.55
CA LYS A 334 -6.07 -17.84 17.69
C LYS A 334 -5.57 -18.63 18.89
N MET B 1 4.05 -33.95 12.47
CA MET B 1 4.17 -32.48 12.20
C MET B 1 5.39 -32.14 11.33
N THR B 2 5.27 -31.05 10.58
CA THR B 2 6.35 -30.54 9.73
C THR B 2 6.55 -29.05 10.01
N GLU B 3 7.73 -28.54 9.67
CA GLU B 3 8.04 -27.12 9.86
CA GLU B 3 8.05 -27.13 9.85
C GLU B 3 7.98 -26.36 8.54
C GLU B 3 7.99 -26.35 8.54
N ILE B 4 7.56 -25.11 8.63
CA ILE B 4 7.58 -24.19 7.51
C ILE B 4 9.01 -23.71 7.36
N ALA B 5 9.51 -23.68 6.14
CA ALA B 5 10.90 -23.33 5.85
C ALA B 5 11.28 -21.93 6.33
N THR B 6 12.49 -21.83 6.89
CA THR B 6 13.07 -20.56 7.29
C THR B 6 14.04 -20.14 6.19
N THR B 7 13.79 -18.98 5.58
CA THR B 7 14.60 -18.52 4.45
C THR B 7 15.23 -17.15 4.66
N SER B 8 16.08 -16.75 3.71
CA SER B 8 16.76 -15.46 3.76
C SER B 8 17.29 -15.10 2.37
N GLY B 9 17.36 -13.81 2.09
CA GLY B 9 18.00 -13.33 0.87
C GLY B 9 19.34 -12.70 1.17
N ALA B 10 19.74 -11.75 0.33
CA ALA B 10 21.00 -11.04 0.53
C ALA B 10 20.87 -10.05 1.69
N ARG B 11 21.86 -10.01 2.57
CA ARG B 11 21.87 -9.11 3.71
C ARG B 11 22.06 -7.66 3.29
N SER B 12 23.05 -7.43 2.42
CA SER B 12 23.44 -6.10 1.98
C SER B 12 22.63 -5.60 0.77
N VAL B 13 21.82 -4.57 1.00
CA VAL B 13 20.89 -4.04 0.01
C VAL B 13 21.13 -2.52 -0.16
N GLY B 14 21.00 -2.03 -1.39
CA GLY B 14 21.27 -0.63 -1.67
C GLY B 14 20.48 -0.04 -2.82
N LEU B 15 20.60 1.28 -2.99
CA LEU B 15 20.01 1.99 -4.13
C LEU B 15 20.98 1.91 -5.31
N LEU B 16 20.54 1.29 -6.41
CA LEU B 16 21.40 1.10 -7.57
C LEU B 16 21.40 2.31 -8.51
N SER B 17 20.30 3.04 -8.52
CA SER B 17 20.13 4.21 -9.36
C SER B 17 18.85 4.93 -8.99
N VAL B 18 18.69 6.12 -9.57
CA VAL B 18 17.45 6.87 -9.46
C VAL B 18 17.08 7.34 -10.87
N GLY B 19 15.78 7.42 -11.15
CA GLY B 19 15.31 7.94 -12.41
C GLY B 19 14.14 8.88 -12.16
N ALA B 20 14.18 10.05 -12.80
CA ALA B 20 13.18 11.08 -12.56
C ALA B 20 12.43 11.49 -13.82
N TYR B 21 11.12 11.61 -13.69
CA TYR B 21 10.28 12.20 -14.74
C TYR B 21 9.56 13.44 -14.24
N ARG B 22 9.79 14.56 -14.92
CA ARG B 22 9.13 15.82 -14.59
C ARG B 22 8.29 16.29 -15.79
N PRO B 23 6.98 16.48 -15.58
CA PRO B 23 6.09 16.93 -16.65
C PRO B 23 6.57 18.23 -17.33
N GLU B 24 6.20 18.39 -18.59
CA GLU B 24 6.69 19.49 -19.43
C GLU B 24 6.25 20.87 -18.94
N ARG B 25 4.94 21.05 -18.78
CA ARG B 25 4.36 22.37 -18.45
C ARG B 25 4.86 22.98 -17.13
N VAL B 26 5.42 24.17 -17.26
CA VAL B 26 5.93 24.92 -16.11
C VAL B 26 4.85 25.91 -15.66
N VAL B 27 4.55 25.91 -14.36
CA VAL B 27 3.55 26.82 -13.81
C VAL B 27 4.21 27.82 -12.86
N THR B 28 4.25 29.09 -13.26
CA THR B 28 4.86 30.14 -12.44
C THR B 28 3.95 30.54 -11.30
N ASN B 29 4.55 31.16 -10.28
CA ASN B 29 3.81 31.67 -9.14
C ASN B 29 2.73 32.66 -9.56
N ASP B 30 3.05 33.54 -10.52
CA ASP B 30 2.08 34.50 -11.06
C ASP B 30 0.84 33.81 -11.64
N GLU B 31 1.04 32.66 -12.27
CA GLU B 31 -0.04 31.86 -12.82
C GLU B 31 -0.94 31.27 -11.73
N ILE B 32 -0.31 30.80 -10.64
CA ILE B 32 -1.03 30.25 -9.50
C ILE B 32 -1.89 31.30 -8.76
N CYS B 33 -1.40 32.54 -8.75
CA CYS B 33 -2.08 33.64 -8.07
C CYS B 33 -3.29 34.18 -8.82
N GLN B 34 -3.64 33.58 -9.94
CA GLN B 34 -4.72 34.09 -10.79
C GLN B 34 -6.13 33.92 -10.17
N HIS B 35 -6.19 33.32 -8.97
CA HIS B 35 -7.46 33.13 -8.28
C HIS B 35 -7.38 33.34 -6.77
N ILE B 36 -6.18 33.67 -6.29
CA ILE B 36 -5.96 33.97 -4.89
C ILE B 36 -5.32 35.35 -4.75
N ASP B 37 -5.56 36.01 -3.62
CA ASP B 37 -4.93 37.29 -3.34
C ASP B 37 -3.54 37.02 -2.76
N SER B 38 -2.52 37.09 -3.62
CA SER B 38 -1.15 36.76 -3.21
C SER B 38 -0.11 37.30 -4.20
N SER B 39 1.17 37.08 -3.88
CA SER B 39 2.27 37.50 -4.76
C SER B 39 3.32 36.40 -4.89
N ASP B 40 4.08 36.48 -5.99
CA ASP B 40 5.18 35.56 -6.24
C ASP B 40 6.22 35.64 -5.12
N GLU B 41 6.51 36.86 -4.69
CA GLU B 41 7.46 37.10 -3.62
C GLU B 41 7.03 36.44 -2.30
N TRP B 42 5.76 36.62 -1.92
CA TRP B 42 5.22 36.01 -0.71
C TRP B 42 5.35 34.48 -0.74
N ILE B 43 4.83 33.87 -1.80
CA ILE B 43 4.88 32.42 -1.97
C ILE B 43 6.31 31.91 -1.82
N TYR B 44 7.24 32.55 -2.52
CA TYR B 44 8.64 32.15 -2.48
C TYR B 44 9.26 32.22 -1.08
N THR B 45 9.08 33.34 -0.39
CA THR B 45 9.63 33.51 0.95
C THR B 45 8.93 32.63 2.00
N ARG B 46 7.71 32.18 1.68
CA ARG B 46 6.95 31.35 2.62
C ARG B 46 7.12 29.85 2.41
N THR B 47 7.37 29.43 1.18
CA THR B 47 7.47 28.02 0.83
C THR B 47 8.81 27.63 0.21
N GLY B 48 9.46 28.60 -0.42
CA GLY B 48 10.71 28.34 -1.14
C GLY B 48 10.48 27.96 -2.59
N ILE B 49 9.22 28.00 -3.01
CA ILE B 49 8.83 27.60 -4.37
C ILE B 49 8.89 28.79 -5.33
N LYS B 50 9.46 28.54 -6.51
CA LYS B 50 9.48 29.51 -7.60
C LYS B 50 8.53 29.09 -8.71
N THR B 51 8.59 27.82 -9.10
CA THR B 51 7.68 27.23 -10.09
C THR B 51 7.43 25.76 -9.76
N ARG B 52 6.49 25.14 -10.48
CA ARG B 52 6.23 23.71 -10.38
C ARG B 52 5.74 23.14 -11.71
N ARG B 53 5.84 21.82 -11.89
CA ARG B 53 5.37 21.16 -13.11
C ARG B 53 3.98 20.55 -12.92
N PHE B 54 3.12 20.75 -13.91
CA PHE B 54 1.82 20.09 -13.98
C PHE B 54 1.83 19.14 -15.18
N ALA B 55 1.35 17.91 -14.99
CA ALA B 55 1.27 16.94 -16.07
C ALA B 55 0.09 17.25 -16.97
N ALA B 56 0.10 16.69 -18.18
CA ALA B 56 -1.00 16.87 -19.13
C ALA B 56 -2.21 16.04 -18.72
N ASP B 57 -3.35 16.30 -19.36
CA ASP B 57 -4.59 15.57 -19.08
C ASP B 57 -4.46 14.09 -19.40
N ASP B 58 -3.77 13.77 -20.49
CA ASP B 58 -3.58 12.37 -20.89
C ASP B 58 -2.57 11.61 -20.01
N GLU B 59 -2.04 12.27 -18.99
CA GLU B 59 -1.04 11.66 -18.11
C GLU B 59 -1.65 11.27 -16.76
N SER B 60 -1.03 10.31 -16.10
CA SER B 60 -1.53 9.80 -14.83
C SER B 60 -0.36 9.51 -13.88
N ALA B 61 -0.69 9.15 -12.64
CA ALA B 61 0.30 8.71 -11.68
C ALA B 61 1.01 7.44 -12.16
N ALA B 62 0.23 6.54 -12.76
CA ALA B 62 0.78 5.31 -13.33
C ALA B 62 1.68 5.56 -14.54
N SER B 63 1.26 6.44 -15.44
CA SER B 63 2.03 6.69 -16.67
C SER B 63 3.37 7.35 -16.39
N MET B 64 3.37 8.36 -15.53
CA MET B 64 4.60 9.02 -15.11
C MET B 64 5.52 8.07 -14.32
N ALA B 65 4.91 7.20 -13.52
CA ALA B 65 5.65 6.18 -12.77
C ALA B 65 6.44 5.26 -13.72
N THR B 66 5.78 4.87 -14.81
CA THR B 66 6.36 4.02 -15.83
C THR B 66 7.58 4.68 -16.48
N GLU B 67 7.44 5.94 -16.89
CA GLU B 67 8.56 6.71 -17.44
C GLU B 67 9.72 6.77 -16.45
N ALA B 68 9.40 7.06 -15.19
CA ALA B 68 10.38 7.15 -14.12
C ALA B 68 11.14 5.84 -13.96
N CYS B 69 10.41 4.73 -13.98
CA CYS B 69 11.02 3.39 -13.94
C CYS B 69 11.93 3.13 -15.15
N ARG B 70 11.44 3.44 -16.35
CA ARG B 70 12.23 3.26 -17.58
C ARG B 70 13.58 3.96 -17.45
N ARG B 71 13.54 5.16 -16.88
CA ARG B 71 14.74 5.97 -16.68
C ARG B 71 15.66 5.42 -15.60
N ALA B 72 15.07 4.91 -14.53
CA ALA B 72 15.85 4.35 -13.43
C ALA B 72 16.54 3.07 -13.89
N LEU B 73 15.84 2.27 -14.69
CA LEU B 73 16.42 1.05 -15.26
C LEU B 73 17.59 1.40 -16.18
N SER B 74 17.41 2.40 -17.04
CA SER B 74 18.47 2.87 -17.91
C SER B 74 19.71 3.29 -17.10
N ASN B 75 19.49 4.09 -16.06
CA ASN B 75 20.58 4.58 -15.20
C ASN B 75 21.26 3.48 -14.39
N ALA B 76 20.61 2.33 -14.28
CA ALA B 76 21.20 1.21 -13.57
C ALA B 76 21.83 0.22 -14.54
N GLY B 77 21.62 0.44 -15.84
CA GLY B 77 22.06 -0.50 -16.85
C GLY B 77 21.37 -1.86 -16.71
N LEU B 78 20.08 -1.82 -16.38
CA LEU B 78 19.29 -3.03 -16.27
C LEU B 78 18.09 -2.93 -17.19
N SER B 79 17.43 -4.05 -17.44
CA SER B 79 16.17 -4.04 -18.18
C SER B 79 15.07 -4.60 -17.27
N ALA B 80 13.82 -4.48 -17.72
CA ALA B 80 12.67 -5.01 -16.99
C ALA B 80 12.93 -6.42 -16.50
N ALA B 81 13.57 -7.23 -17.34
CA ALA B 81 13.89 -8.62 -17.04
C ALA B 81 14.67 -8.83 -15.73
N ASP B 82 15.40 -7.80 -15.28
CA ASP B 82 16.20 -7.89 -14.07
C ASP B 82 15.40 -7.65 -12.79
N ILE B 83 14.20 -7.10 -12.93
CA ILE B 83 13.37 -6.71 -11.78
C ILE B 83 12.43 -7.84 -11.34
N ASP B 84 12.33 -8.05 -10.02
CA ASP B 84 11.47 -9.09 -9.45
C ASP B 84 10.16 -8.55 -8.88
N GLY B 85 10.10 -7.25 -8.67
CA GLY B 85 8.91 -6.65 -8.10
C GLY B 85 8.92 -5.14 -8.18
N VAL B 86 7.72 -4.56 -8.18
CA VAL B 86 7.57 -3.11 -8.18
C VAL B 86 6.56 -2.66 -7.12
N ILE B 87 6.98 -1.75 -6.26
CA ILE B 87 6.06 -1.10 -5.34
C ILE B 87 5.81 0.34 -5.80
N VAL B 88 4.56 0.66 -6.10
CA VAL B 88 4.19 2.02 -6.45
C VAL B 88 3.68 2.71 -5.19
N THR B 89 4.26 3.86 -4.87
CA THR B 89 3.75 4.66 -3.77
C THR B 89 3.21 6.00 -4.29
N THR B 90 2.00 6.34 -3.87
CA THR B 90 1.27 7.46 -4.43
C THR B 90 0.03 7.71 -3.62
N ASN B 91 -0.55 8.90 -3.82
CA ASN B 91 -1.81 9.29 -3.20
C ASN B 91 -2.77 9.74 -4.28
N THR B 92 -2.35 9.63 -5.54
CA THR B 92 -3.12 10.18 -6.65
C THR B 92 -3.40 9.19 -7.79
N HIS B 93 -3.43 7.90 -7.47
CA HIS B 93 -3.99 6.93 -8.40
C HIS B 93 -5.49 7.03 -8.20
N PHE B 94 -6.18 7.58 -9.19
CA PHE B 94 -7.59 7.92 -9.04
C PHE B 94 -8.55 6.79 -9.38
N LEU B 95 -8.16 5.58 -8.96
CA LEU B 95 -8.98 4.38 -9.12
C LEU B 95 -8.89 3.56 -7.84
N GLN B 96 -10.04 3.15 -7.32
CA GLN B 96 -10.08 2.25 -6.18
C GLN B 96 -9.34 0.97 -6.53
N THR B 97 -9.53 0.53 -7.78
CA THR B 97 -8.84 -0.61 -8.36
C THR B 97 -9.00 -0.46 -9.88
N PRO B 98 -8.14 -1.06 -10.70
CA PRO B 98 -7.01 -1.92 -10.30
C PRO B 98 -5.81 -1.14 -9.78
N PRO B 99 -4.87 -1.81 -9.09
CA PRO B 99 -3.70 -1.12 -8.55
C PRO B 99 -2.84 -0.60 -9.70
N ALA B 100 -2.00 0.40 -9.43
CA ALA B 100 -1.14 0.95 -10.46
C ALA B 100 0.04 0.03 -10.77
N ALA B 101 0.58 -0.62 -9.74
CA ALA B 101 1.78 -1.45 -9.90
C ALA B 101 1.74 -2.49 -11.03
N PRO B 102 0.75 -3.38 -11.10
CA PRO B 102 0.69 -4.34 -12.21
C PRO B 102 0.66 -3.66 -13.57
N MET B 103 -0.06 -2.54 -13.69
CA MET B 103 -0.11 -1.75 -14.91
C MET B 103 1.27 -1.24 -15.30
N VAL B 104 1.97 -0.62 -14.35
CA VAL B 104 3.35 -0.17 -14.54
C VAL B 104 4.24 -1.32 -15.02
N ALA B 105 4.12 -2.48 -14.36
CA ALA B 105 4.92 -3.67 -14.69
C ALA B 105 4.72 -4.12 -16.14
N ALA B 106 3.46 -4.22 -16.57
CA ALA B 106 3.12 -4.61 -17.93
C ALA B 106 3.65 -3.61 -18.98
N SER B 107 3.56 -2.31 -18.68
CA SER B 107 4.09 -1.26 -19.55
C SER B 107 5.62 -1.31 -19.65
N LEU B 108 6.25 -1.89 -18.63
CA LEU B 108 7.71 -2.02 -18.62
C LEU B 108 8.20 -3.26 -19.37
N GLY B 109 7.27 -4.15 -19.70
CA GLY B 109 7.60 -5.39 -20.38
C GLY B 109 7.87 -6.52 -19.40
N ALA B 110 7.43 -6.35 -18.15
CA ALA B 110 7.54 -7.37 -17.12
C ALA B 110 6.18 -7.58 -16.45
N LYS B 111 5.19 -7.99 -17.24
CA LYS B 111 3.80 -8.14 -16.78
C LYS B 111 3.55 -9.11 -15.62
N GLY B 112 4.48 -10.05 -15.42
CA GLY B 112 4.29 -11.10 -14.43
C GLY B 112 4.79 -10.83 -13.02
N ILE B 113 5.68 -9.85 -12.87
CA ILE B 113 6.35 -9.61 -11.58
C ILE B 113 5.39 -9.13 -10.48
N LEU B 114 5.72 -9.44 -9.23
CA LEU B 114 4.91 -9.06 -8.07
C LEU B 114 4.83 -7.55 -7.89
N GLY B 115 3.87 -7.09 -7.09
CA GLY B 115 3.79 -5.68 -6.79
C GLY B 115 2.47 -5.23 -6.19
N PHE B 116 2.49 -4.05 -5.57
CA PHE B 116 1.32 -3.46 -4.96
C PHE B 116 1.48 -1.95 -4.85
N ASP B 117 0.38 -1.26 -4.53
CA ASP B 117 0.38 0.17 -4.25
C ASP B 117 0.41 0.42 -2.74
N LEU B 118 1.18 1.41 -2.32
CA LEU B 118 1.31 1.72 -0.91
C LEU B 118 1.02 3.19 -0.69
N SER B 119 0.08 3.47 0.21
CA SER B 119 -0.26 4.86 0.50
C SER B 119 -0.01 5.23 1.95
N ALA B 120 0.62 6.38 2.13
CA ALA B 120 0.93 6.91 3.45
C ALA B 120 1.39 8.37 3.33
N GLY B 121 0.63 9.17 2.60
CA GLY B 121 1.01 10.55 2.36
C GLY B 121 2.38 10.65 1.73
N ALA B 122 3.13 11.67 2.13
CA ALA B 122 4.48 11.91 1.61
C ALA B 122 5.50 10.92 2.19
N ALA B 123 5.09 10.20 3.23
CA ALA B 123 5.93 9.20 3.89
C ALA B 123 5.98 7.89 3.10
N GLY B 124 5.17 7.81 2.05
CA GLY B 124 5.04 6.59 1.26
C GLY B 124 6.35 6.07 0.68
N PHE B 125 7.21 6.98 0.21
CA PHE B 125 8.50 6.56 -0.32
C PHE B 125 9.37 5.88 0.75
N GLY B 126 9.41 6.45 1.93
CA GLY B 126 10.15 5.88 3.05
C GLY B 126 9.64 4.51 3.44
N TYR B 127 8.32 4.36 3.47
CA TYR B 127 7.69 3.08 3.82
C TYR B 127 7.90 2.05 2.70
N ALA B 128 7.79 2.51 1.46
CA ALA B 128 8.00 1.63 0.30
C ALA B 128 9.46 1.19 0.19
N LEU B 129 10.38 2.13 0.40
CA LEU B 129 11.80 1.79 0.36
C LEU B 129 12.12 0.74 1.41
N GLY B 130 11.72 1.00 2.64
CA GLY B 130 11.90 0.06 3.74
C GLY B 130 11.30 -1.30 3.43
N ALA B 131 10.12 -1.30 2.81
CA ALA B 131 9.42 -2.52 2.46
C ALA B 131 10.17 -3.35 1.40
N ALA B 132 10.66 -2.69 0.35
CA ALA B 132 11.47 -3.37 -0.65
C ALA B 132 12.71 -3.97 -0.01
N ALA B 133 13.37 -3.18 0.84
CA ALA B 133 14.58 -3.63 1.53
C ALA B 133 14.31 -4.86 2.37
N ASP B 134 13.21 -4.85 3.14
CA ASP B 134 12.86 -6.00 3.97
C ASP B 134 12.60 -7.24 3.11
N MET B 135 11.80 -7.07 2.06
CA MET B 135 11.46 -8.17 1.16
C MET B 135 12.69 -8.79 0.50
N ILE B 136 13.59 -7.94 -0.01
CA ILE B 136 14.81 -8.41 -0.63
C ILE B 136 15.70 -9.18 0.36
N ARG B 137 15.90 -8.61 1.54
CA ARG B 137 16.65 -9.27 2.60
C ARG B 137 15.99 -10.58 3.06
N GLY B 138 14.65 -10.61 3.04
CA GLY B 138 13.89 -11.81 3.39
C GLY B 138 13.94 -12.89 2.32
N GLY B 139 14.43 -12.53 1.13
CA GLY B 139 14.54 -13.45 0.02
C GLY B 139 13.32 -13.55 -0.85
N GLY B 140 12.40 -12.60 -0.72
CA GLY B 140 11.17 -12.59 -1.53
C GLY B 140 11.38 -11.96 -2.89
N ALA B 141 12.58 -11.39 -3.08
CA ALA B 141 12.98 -10.73 -4.32
C ALA B 141 14.47 -10.46 -4.24
N ALA B 142 15.12 -10.31 -5.40
CA ALA B 142 16.54 -9.96 -5.47
C ALA B 142 16.74 -8.49 -5.84
N THR B 143 15.93 -8.02 -6.79
CA THR B 143 15.99 -6.64 -7.29
C THR B 143 14.58 -6.12 -7.50
N MET B 144 14.36 -4.88 -7.07
CA MET B 144 13.03 -4.29 -7.13
C MET B 144 13.06 -2.84 -7.59
N LEU B 145 11.92 -2.39 -8.11
CA LEU B 145 11.69 -0.99 -8.40
C LEU B 145 10.78 -0.40 -7.33
N VAL B 146 11.17 0.74 -6.79
CA VAL B 146 10.32 1.49 -5.88
C VAL B 146 10.15 2.87 -6.51
N VAL B 147 8.92 3.19 -6.89
CA VAL B 147 8.63 4.44 -7.56
C VAL B 147 7.60 5.29 -6.80
N GLY B 148 7.98 6.54 -6.54
CA GLY B 148 7.07 7.53 -6.02
C GLY B 148 6.50 8.34 -7.18
N THR B 149 5.18 8.45 -7.22
CA THR B 149 4.51 9.16 -8.31
C THR B 149 3.32 9.94 -7.80
N GLU B 150 3.08 11.09 -8.41
CA GLU B 150 2.02 11.98 -7.97
C GLU B 150 1.49 12.84 -9.11
N LYS B 151 0.18 12.81 -9.29
CA LYS B 151 -0.52 13.79 -10.12
C LYS B 151 -1.47 14.57 -9.21
N LEU B 152 -0.93 15.53 -8.46
CA LEU B 152 -1.70 16.30 -7.49
C LEU B 152 -2.52 17.45 -8.06
N SER B 153 -2.11 17.97 -9.22
CA SER B 153 -2.72 19.16 -9.80
C SER B 153 -4.24 19.11 -10.00
N PRO B 154 -4.82 17.96 -10.38
CA PRO B 154 -6.29 17.89 -10.49
C PRO B 154 -7.03 17.92 -9.14
N THR B 155 -6.31 17.79 -8.03
CA THR B 155 -6.93 17.83 -6.71
C THR B 155 -6.90 19.23 -6.09
N ILE B 156 -6.22 20.15 -6.75
CA ILE B 156 -6.06 21.50 -6.20
C ILE B 156 -7.27 22.40 -6.44
N ASP B 157 -7.74 23.04 -5.37
CA ASP B 157 -8.71 24.12 -5.43
C ASP B 157 -7.93 25.39 -5.68
N MET B 158 -7.97 25.87 -6.92
CA MET B 158 -7.22 27.08 -7.29
C MET B 158 -7.62 28.34 -6.49
N TYR B 159 -8.76 28.27 -5.79
CA TYR B 159 -9.20 29.39 -4.96
C TYR B 159 -8.75 29.27 -3.51
N ASP B 160 -8.17 28.13 -3.16
CA ASP B 160 -7.68 27.89 -1.80
C ASP B 160 -6.37 28.66 -1.57
N ARG B 161 -6.48 29.74 -0.83
CA ARG B 161 -5.37 30.64 -0.52
C ARG B 161 -4.31 30.00 0.39
N GLY B 162 -4.63 28.82 0.93
CA GLY B 162 -3.75 28.15 1.87
C GLY B 162 -2.81 27.13 1.26
N ASN B 163 -3.12 26.64 0.06
CA ASN B 163 -2.36 25.51 -0.48
C ASN B 163 -2.22 25.38 -1.99
N CYS B 164 -2.99 26.15 -2.76
CA CYS B 164 -3.02 25.98 -4.22
C CYS B 164 -1.63 26.07 -4.90
N PHE B 165 -0.73 26.77 -4.22
CA PHE B 165 0.65 26.99 -4.70
C PHE B 165 1.63 25.94 -4.19
N ILE B 166 1.16 24.98 -3.41
CA ILE B 166 2.06 24.00 -2.80
C ILE B 166 2.31 22.72 -3.63
N PHE B 167 1.24 22.09 -4.13
CA PHE B 167 1.35 20.75 -4.73
C PHE B 167 1.64 20.74 -6.24
N ALA B 168 2.32 19.69 -6.70
CA ALA B 168 2.72 19.57 -8.11
C ALA B 168 2.80 18.12 -8.57
N ASP B 169 3.13 17.93 -9.85
CA ASP B 169 3.14 16.60 -10.47
C ASP B 169 4.54 16.11 -10.80
N GLY B 170 4.69 14.79 -10.83
CA GLY B 170 5.95 14.17 -11.18
C GLY B 170 6.13 12.78 -10.61
N ALA B 171 7.17 12.10 -11.08
CA ALA B 171 7.49 10.76 -10.62
C ALA B 171 9.00 10.52 -10.59
N ALA B 172 9.44 9.65 -9.70
CA ALA B 172 10.84 9.23 -9.62
C ALA B 172 10.93 7.84 -9.02
N ALA B 173 11.82 7.03 -9.58
CA ALA B 173 11.97 5.65 -9.18
C ALA B 173 13.39 5.38 -8.74
N VAL B 174 13.54 4.43 -7.81
CA VAL B 174 14.85 3.89 -7.46
C VAL B 174 14.87 2.40 -7.77
N VAL B 175 16.01 1.91 -8.26
CA VAL B 175 16.22 0.48 -8.34
C VAL B 175 16.85 0.08 -7.01
N VAL B 176 16.40 -1.04 -6.46
CA VAL B 176 16.90 -1.55 -5.19
C VAL B 176 17.38 -2.98 -5.43
N GLY B 177 18.60 -3.28 -5.01
CA GLY B 177 19.17 -4.60 -5.20
C GLY B 177 20.38 -4.83 -4.31
N GLU B 178 21.05 -5.97 -4.51
CA GLU B 178 22.23 -6.32 -3.72
C GLU B 178 23.40 -5.39 -4.01
N THR B 179 24.07 -4.96 -2.94
CA THR B 179 25.29 -4.14 -3.06
C THR B 179 26.39 -4.79 -2.20
N PRO B 180 27.67 -4.47 -2.48
CA PRO B 180 28.78 -5.00 -1.68
C PRO B 180 28.67 -4.63 -0.20
N PHE B 181 28.31 -3.38 0.08
CA PHE B 181 28.09 -2.91 1.46
C PHE B 181 26.70 -2.31 1.65
N GLN B 182 26.15 -2.50 2.85
CA GLN B 182 24.81 -2.07 3.19
C GLN B 182 24.53 -0.62 2.78
N GLY B 183 23.53 -0.44 1.92
CA GLY B 183 23.21 0.86 1.38
C GLY B 183 21.95 1.48 1.93
N ILE B 184 21.12 0.71 2.64
CA ILE B 184 19.88 1.24 3.22
C ILE B 184 19.79 0.94 4.71
N GLY B 185 19.77 1.99 5.53
CA GLY B 185 19.65 1.87 6.97
C GLY B 185 18.28 1.36 7.41
N PRO B 186 18.15 1.04 8.70
CA PRO B 186 16.87 0.57 9.24
C PRO B 186 15.79 1.64 9.13
N THR B 187 14.55 1.19 8.93
CA THR B 187 13.42 2.09 8.79
C THR B 187 12.93 2.59 10.15
N VAL B 188 12.87 3.90 10.31
CA VAL B 188 12.24 4.53 11.47
C VAL B 188 10.95 5.18 10.98
N ALA B 189 9.83 4.78 11.59
CA ALA B 189 8.54 5.27 11.17
C ALA B 189 7.53 5.33 12.30
N GLY B 190 6.46 6.06 12.03
CA GLY B 190 5.39 6.26 13.00
C GLY B 190 4.34 7.17 12.40
N SER B 191 3.49 7.70 13.27
CA SER B 191 2.41 8.58 12.83
C SER B 191 1.76 9.36 13.96
N ASP B 192 0.80 10.19 13.58
CA ASP B 192 -0.07 10.86 14.52
C ASP B 192 -1.47 10.87 13.94
N GLY B 193 -2.18 9.76 14.13
CA GLY B 193 -3.53 9.63 13.64
C GLY B 193 -4.55 10.59 14.25
N GLU B 194 -4.18 11.29 15.32
CA GLU B 194 -5.07 12.30 15.93
C GLU B 194 -5.15 13.57 15.09
N GLN B 195 -4.16 13.77 14.23
CA GLN B 195 -4.12 14.93 13.35
C GLN B 195 -4.37 14.48 11.90
N ALA B 196 -5.21 13.45 11.75
CA ALA B 196 -5.55 12.92 10.43
C ALA B 196 -6.16 13.96 9.50
N ASP B 197 -6.80 14.97 10.07
CA ASP B 197 -7.51 15.97 9.29
C ASP B 197 -6.64 17.10 8.74
N ALA B 198 -5.37 17.12 9.16
CA ALA B 198 -4.45 18.21 8.81
C ALA B 198 -4.18 18.30 7.32
N ILE B 199 -4.03 17.14 6.68
CA ILE B 199 -3.84 17.05 5.23
C ILE B 199 -4.83 16.01 4.71
N ARG B 200 -5.79 16.45 3.90
CA ARG B 200 -6.90 15.57 3.55
C ARG B 200 -7.64 15.90 2.25
N GLN B 201 -8.33 14.88 1.76
CA GLN B 201 -9.44 15.05 0.84
C GLN B 201 -10.62 15.38 1.75
N ASP B 202 -11.30 16.50 1.49
CA ASP B 202 -12.37 16.94 2.38
C ASP B 202 -13.63 16.09 2.31
N ILE B 203 -14.03 15.72 1.10
CA ILE B 203 -15.25 14.93 0.90
C ILE B 203 -14.88 13.59 0.28
N ASP B 204 -15.28 12.50 0.91
CA ASP B 204 -14.97 11.18 0.38
C ASP B 204 -15.72 10.97 -0.94
N TRP B 205 -15.16 10.10 -1.78
CA TRP B 205 -15.64 9.89 -3.13
C TRP B 205 -17.08 9.40 -3.20
N ILE B 206 -17.40 8.42 -2.36
CA ILE B 206 -18.77 7.90 -2.30
C ILE B 206 -19.75 9.01 -1.90
N THR B 207 -19.43 9.77 -0.86
CA THR B 207 -20.28 10.89 -0.46
C THR B 207 -20.48 11.84 -1.64
N PHE B 208 -19.38 12.15 -2.33
CA PHE B 208 -19.43 12.99 -3.50
C PHE B 208 -20.31 12.35 -4.58
N ALA B 209 -20.06 11.07 -4.87
CA ALA B 209 -20.83 10.35 -5.86
C ALA B 209 -22.33 10.44 -5.60
N GLN B 210 -22.74 10.33 -4.34
CA GLN B 210 -24.17 10.33 -3.98
C GLN B 210 -24.80 11.73 -3.95
N ASN B 211 -23.97 12.76 -3.89
CA ASN B 211 -24.46 14.14 -3.92
C ASN B 211 -23.71 14.99 -4.96
N PRO B 212 -23.92 14.72 -6.26
CA PRO B 212 -23.19 15.43 -7.32
C PRO B 212 -23.48 16.93 -7.31
N SER B 213 -24.64 17.30 -6.78
CA SER B 213 -25.02 18.71 -6.67
C SER B 213 -24.36 19.45 -5.50
N GLY B 214 -23.66 18.72 -4.63
CA GLY B 214 -22.91 19.35 -3.57
C GLY B 214 -21.55 19.79 -4.06
N PRO B 215 -20.63 20.17 -3.16
CA PRO B 215 -19.27 20.54 -3.57
C PRO B 215 -18.54 19.31 -4.04
N ARG B 216 -17.52 19.50 -4.88
CA ARG B 216 -16.65 18.41 -5.28
C ARG B 216 -15.48 18.35 -4.30
N PRO B 217 -14.80 17.20 -4.17
CA PRO B 217 -13.67 17.10 -3.24
C PRO B 217 -12.45 17.83 -3.74
N PHE B 218 -11.69 18.40 -2.80
CA PHE B 218 -10.42 19.06 -3.08
C PHE B 218 -9.45 18.69 -1.98
N VAL B 219 -8.17 18.94 -2.21
CA VAL B 219 -7.18 18.75 -1.16
C VAL B 219 -7.28 19.92 -0.17
N ARG B 220 -7.42 19.61 1.11
CA ARG B 220 -7.49 20.63 2.15
C ARG B 220 -6.29 20.47 3.07
N LEU B 221 -5.82 21.59 3.62
CA LEU B 221 -4.59 21.59 4.40
C LEU B 221 -4.64 22.57 5.58
N GLU B 222 -4.24 22.06 6.76
CA GLU B 222 -4.10 22.88 7.95
C GLU B 222 -2.63 23.27 8.08
N GLY B 223 -2.17 24.13 7.17
CA GLY B 223 -0.77 24.52 7.05
C GLY B 223 0.03 24.70 8.32
N PRO B 224 -0.28 25.74 9.11
CA PRO B 224 0.42 26.00 10.37
C PRO B 224 0.54 24.77 11.29
N ALA B 225 -0.52 23.95 11.36
CA ALA B 225 -0.51 22.76 12.21
C ALA B 225 0.54 21.74 11.74
N VAL B 226 0.59 21.55 10.42
CA VAL B 226 1.56 20.65 9.82
C VAL B 226 2.97 21.20 10.04
N PHE B 227 3.13 22.49 9.77
CA PHE B 227 4.41 23.18 9.98
C PHE B 227 4.95 22.94 11.39
N ARG B 228 4.10 23.19 12.39
CA ARG B 228 4.48 22.99 13.78
C ARG B 228 4.88 21.53 14.03
N TRP B 229 4.03 20.60 13.64
CA TRP B 229 4.31 19.18 13.81
C TRP B 229 5.66 18.78 13.21
N ALA B 230 5.86 19.12 11.94
CA ALA B 230 7.06 18.72 11.21
C ALA B 230 8.32 19.35 11.81
N ALA B 231 8.32 20.67 11.98
CA ALA B 231 9.49 21.37 12.50
C ALA B 231 9.82 20.96 13.92
N PHE B 232 8.80 20.54 14.67
CA PHE B 232 8.97 20.15 16.07
C PHE B 232 9.36 18.68 16.26
N LYS B 233 8.86 17.81 15.39
CA LYS B 233 9.02 16.37 15.60
C LYS B 233 10.04 15.66 14.71
N MET B 234 10.30 16.21 13.52
CA MET B 234 11.15 15.49 12.55
C MET B 234 12.64 15.48 12.89
N GLY B 235 13.04 16.26 13.87
CA GLY B 235 14.41 16.27 14.34
C GLY B 235 14.72 14.99 15.07
N ASP B 236 13.78 14.53 15.88
CA ASP B 236 13.92 13.27 16.63
C ASP B 236 13.83 12.06 15.71
N VAL B 237 12.94 12.12 14.74
CA VAL B 237 12.81 11.05 13.75
C VAL B 237 14.14 10.85 13.03
N GLY B 238 14.69 11.94 12.49
CA GLY B 238 16.00 11.93 11.87
C GLY B 238 17.06 11.32 12.77
N ARG B 239 17.07 11.76 14.03
CA ARG B 239 18.03 11.26 15.03
C ARG B 239 17.93 9.75 15.24
N ARG B 240 16.70 9.23 15.33
CA ARG B 240 16.47 7.78 15.47
C ARG B 240 16.91 7.01 14.22
N ALA B 241 16.68 7.59 13.04
CA ALA B 241 17.11 6.99 11.78
C ALA B 241 18.63 6.88 11.67
N MET B 242 19.33 7.93 12.13
CA MET B 242 20.80 7.95 12.12
C MET B 242 21.37 7.00 13.16
N ASP B 243 20.69 6.92 14.30
CA ASP B 243 21.08 6.03 15.39
C ASP B 243 20.96 4.57 14.99
N ALA B 244 19.84 4.23 14.35
CA ALA B 244 19.59 2.86 13.90
C ALA B 244 20.61 2.46 12.86
N ALA B 245 20.92 3.41 11.96
CA ALA B 245 21.96 3.23 10.95
C ALA B 245 23.37 3.24 11.53
N GLY B 246 23.52 3.63 12.79
CA GLY B 246 24.83 3.67 13.43
C GLY B 246 25.74 4.71 12.81
N VAL B 247 25.18 5.89 12.54
CA VAL B 247 25.95 7.00 11.98
C VAL B 247 25.67 8.29 12.77
N ARG B 248 26.72 9.08 12.97
CA ARG B 248 26.57 10.36 13.67
C ARG B 248 26.04 11.43 12.71
N PRO B 249 25.45 12.49 13.25
CA PRO B 249 24.97 13.62 12.45
C PRO B 249 26.08 14.28 11.62
N ASP B 250 27.29 14.39 12.17
CA ASP B 250 28.40 14.99 11.45
C ASP B 250 28.87 14.18 10.24
N GLN B 251 28.35 12.96 10.09
CA GLN B 251 28.76 12.10 8.99
C GLN B 251 27.83 12.21 7.76
N ILE B 252 26.68 12.86 7.94
CA ILE B 252 25.72 13.03 6.84
C ILE B 252 26.21 14.04 5.80
N ASP B 253 26.31 13.61 4.54
CA ASP B 253 26.74 14.50 3.46
C ASP B 253 25.53 15.11 2.76
N VAL B 254 24.40 14.43 2.83
CA VAL B 254 23.22 14.83 2.08
C VAL B 254 21.96 14.71 2.94
N PHE B 255 21.22 15.80 3.03
CA PHE B 255 19.93 15.80 3.69
C PHE B 255 18.85 15.93 2.64
N VAL B 256 18.02 14.89 2.52
CA VAL B 256 16.89 14.92 1.59
C VAL B 256 15.60 14.70 2.39
N PRO B 257 15.06 15.78 2.96
CA PRO B 257 13.73 15.68 3.57
C PRO B 257 12.69 15.79 2.47
N HIS B 258 11.49 15.31 2.77
CA HIS B 258 10.35 15.53 1.89
C HIS B 258 10.22 17.03 1.61
N GLN B 259 10.04 17.38 0.33
CA GLN B 259 10.00 18.78 -0.08
C GLN B 259 8.61 19.40 0.14
N ALA B 260 8.26 19.56 1.41
CA ALA B 260 6.96 20.11 1.79
C ALA B 260 7.00 21.61 1.80
N ASN B 261 8.10 22.16 2.30
CA ASN B 261 8.24 23.58 2.57
C ASN B 261 9.69 23.85 2.92
N SER B 262 10.29 24.86 2.31
CA SER B 262 11.71 25.14 2.55
C SER B 262 11.99 25.69 3.95
N ARG B 263 11.02 26.39 4.53
CA ARG B 263 11.17 26.92 5.90
C ARG B 263 11.27 25.77 6.91
N ILE B 264 10.41 24.76 6.77
CA ILE B 264 10.45 23.59 7.64
C ILE B 264 11.81 22.91 7.54
N ASN B 265 12.24 22.68 6.31
CA ASN B 265 13.45 21.90 6.05
C ASN B 265 14.74 22.54 6.54
N GLU B 266 14.87 23.85 6.35
CA GLU B 266 16.03 24.60 6.85
C GLU B 266 16.02 24.66 8.37
N LEU B 267 14.83 24.58 8.96
CA LEU B 267 14.70 24.48 10.41
C LEU B 267 15.17 23.11 10.88
N LEU B 268 14.76 22.07 10.17
CA LEU B 268 15.21 20.71 10.47
C LEU B 268 16.74 20.54 10.30
N VAL B 269 17.34 21.32 9.40
CA VAL B 269 18.79 21.32 9.19
C VAL B 269 19.53 21.73 10.46
N LYS B 270 19.22 22.93 10.96
CA LYS B 270 19.77 23.44 12.21
C LYS B 270 19.51 22.47 13.35
N ASN B 271 18.29 21.94 13.39
CA ASN B 271 17.86 21.01 14.44
C ASN B 271 18.72 19.76 14.48
N LEU B 272 18.89 19.11 13.32
CA LEU B 272 19.66 17.88 13.20
C LEU B 272 21.15 18.12 13.44
N GLN B 273 21.56 19.38 13.28
CA GLN B 273 22.96 19.79 13.48
C GLN B 273 23.90 19.01 12.59
N LEU B 274 23.58 18.98 11.31
CA LEU B 274 24.46 18.43 10.30
C LEU B 274 25.62 19.42 10.19
N ARG B 275 26.69 19.05 9.49
CA ARG B 275 27.82 19.95 9.37
C ARG B 275 27.51 21.07 8.37
N PRO B 276 28.11 22.25 8.57
CA PRO B 276 27.93 23.41 7.68
C PRO B 276 27.90 23.12 6.17
N ASP B 277 28.78 22.24 5.69
CA ASP B 277 28.90 21.97 4.25
C ASP B 277 27.94 20.86 3.75
N ALA B 278 27.08 20.38 4.65
CA ALA B 278 26.09 19.37 4.30
C ALA B 278 25.18 19.86 3.17
N VAL B 279 24.95 19.02 2.17
CA VAL B 279 24.12 19.38 1.03
C VAL B 279 22.65 19.11 1.35
N VAL B 280 21.83 20.16 1.23
CA VAL B 280 20.42 20.09 1.59
C VAL B 280 19.53 20.18 0.34
N ALA B 281 18.77 19.12 0.09
CA ALA B 281 17.86 19.07 -1.04
C ALA B 281 16.93 20.29 -1.08
N ASN B 282 16.88 20.95 -2.23
CA ASN B 282 16.02 22.12 -2.40
C ASN B 282 15.22 22.05 -3.71
N ASP B 283 14.97 20.82 -4.17
CA ASP B 283 14.27 20.59 -5.43
C ASP B 283 12.88 21.22 -5.44
N ILE B 284 12.39 21.57 -4.26
CA ILE B 284 11.10 22.25 -4.13
C ILE B 284 11.05 23.54 -4.95
N GLU B 285 12.21 24.18 -5.16
CA GLU B 285 12.32 25.44 -5.88
C GLU B 285 11.54 25.46 -7.20
N HIS B 286 11.82 24.51 -8.08
CA HIS B 286 11.10 24.43 -9.36
C HIS B 286 10.25 23.19 -9.50
N THR B 287 10.15 22.40 -8.43
CA THR B 287 9.35 21.17 -8.45
C THR B 287 8.08 21.27 -7.61
N GLY B 288 8.10 22.15 -6.60
CA GLY B 288 7.02 22.21 -5.63
C GLY B 288 6.97 20.93 -4.82
N ASN B 289 5.87 20.72 -4.09
CA ASN B 289 5.70 19.55 -3.23
C ASN B 289 5.03 18.43 -4.01
N THR B 290 5.76 17.36 -4.25
CA THR B 290 5.21 16.24 -5.03
C THR B 290 5.00 14.98 -4.17
N SER B 291 4.65 15.21 -2.90
CA SER B 291 4.34 14.13 -1.94
C SER B 291 5.22 12.90 -2.06
N ALA B 292 4.60 11.75 -2.29
CA ALA B 292 5.30 10.47 -2.35
C ALA B 292 6.48 10.46 -3.32
N ALA B 293 6.42 11.31 -4.34
CA ALA B 293 7.47 11.44 -5.34
C ALA B 293 8.61 12.39 -4.97
N SER B 294 8.40 13.21 -3.93
CA SER B 294 9.31 14.32 -3.63
C SER B 294 10.75 13.94 -3.31
N ILE B 295 10.92 12.93 -2.46
CA ILE B 295 12.27 12.54 -2.02
C ILE B 295 13.11 12.01 -3.18
N PRO B 296 12.65 10.97 -3.89
CA PRO B 296 13.40 10.44 -5.03
C PRO B 296 13.62 11.49 -6.12
N LEU B 297 12.67 12.40 -6.31
CA LEU B 297 12.83 13.50 -7.28
C LEU B 297 13.96 14.41 -6.84
N ALA B 298 13.97 14.73 -5.56
CA ALA B 298 15.00 15.57 -4.96
C ALA B 298 16.38 14.90 -4.99
N MET B 299 16.42 13.58 -4.75
CA MET B 299 17.67 12.82 -4.84
C MET B 299 18.24 12.98 -6.23
N ALA B 300 17.36 12.88 -7.23
CA ALA B 300 17.74 12.96 -8.63
C ALA B 300 18.24 14.35 -8.99
N GLU B 301 17.64 15.39 -8.41
CA GLU B 301 18.06 16.77 -8.67
C GLU B 301 19.46 17.00 -8.11
N LEU B 302 19.70 16.51 -6.90
CA LEU B 302 21.00 16.65 -6.26
C LEU B 302 22.08 15.93 -7.04
N LEU B 303 21.71 14.83 -7.69
CA LEU B 303 22.64 14.03 -8.46
C LEU B 303 22.90 14.60 -9.84
N THR B 304 21.86 15.10 -10.51
CA THR B 304 22.02 15.69 -11.85
C THR B 304 22.79 16.99 -11.81
N THR B 305 22.79 17.67 -10.66
CA THR B 305 23.54 18.93 -10.52
C THR B 305 24.94 18.71 -9.98
N GLY B 306 25.20 17.50 -9.48
CA GLY B 306 26.49 17.17 -8.91
C GLY B 306 26.66 17.64 -7.47
N ALA B 307 25.65 18.33 -6.93
CA ALA B 307 25.65 18.75 -5.53
C ALA B 307 25.77 17.53 -4.62
N ALA B 308 25.15 16.42 -5.01
CA ALA B 308 25.36 15.14 -4.37
C ALA B 308 26.15 14.22 -5.29
N LYS B 309 26.90 13.29 -4.70
CA LYS B 309 27.71 12.33 -5.43
C LYS B 309 27.24 10.92 -5.09
N PRO B 310 27.40 9.97 -6.00
CA PRO B 310 27.10 8.56 -5.69
C PRO B 310 27.95 8.09 -4.50
N GLY B 311 27.36 7.41 -3.52
CA GLY B 311 28.12 6.95 -2.37
C GLY B 311 28.02 7.85 -1.15
N ASP B 312 27.46 9.05 -1.31
CA ASP B 312 27.27 9.99 -0.20
C ASP B 312 26.31 9.40 0.83
N LEU B 313 26.57 9.73 2.10
CA LEU B 313 25.70 9.32 3.19
C LEU B 313 24.50 10.26 3.28
N ALA B 314 23.31 9.73 3.04
CA ALA B 314 22.11 10.56 2.99
C ALA B 314 21.08 10.23 4.06
N LEU B 315 20.42 11.27 4.56
CA LEU B 315 19.29 11.13 5.47
C LEU B 315 17.99 11.51 4.75
N LEU B 316 17.06 10.56 4.68
CA LEU B 316 15.77 10.78 4.06
C LEU B 316 14.73 10.87 5.15
N ILE B 317 13.91 11.93 5.14
CA ILE B 317 12.80 12.06 6.08
C ILE B 317 11.52 12.40 5.34
N GLY B 318 10.58 11.46 5.33
CA GLY B 318 9.27 11.71 4.75
C GLY B 318 8.29 12.02 5.87
N TYR B 319 7.42 13.00 5.64
CA TYR B 319 6.38 13.37 6.59
C TYR B 319 5.18 13.96 5.85
N GLY B 320 3.99 13.73 6.39
CA GLY B 320 2.80 14.23 5.73
C GLY B 320 1.53 13.52 6.12
N ALA B 321 0.59 13.43 5.18
CA ALA B 321 -0.81 13.08 5.43
C ALA B 321 -1.06 11.84 6.30
N GLY B 322 -2.24 11.83 6.92
CA GLY B 322 -2.61 10.80 7.88
C GLY B 322 -1.90 11.22 9.13
N LEU B 323 -0.82 11.96 8.84
CA LEU B 323 0.24 12.31 9.75
C LEU B 323 1.00 11.01 9.89
N SER B 324 1.85 10.80 8.89
CA SER B 324 2.71 9.64 8.75
C SER B 324 4.13 10.16 8.59
N TYR B 325 5.09 9.36 9.02
CA TYR B 325 6.47 9.70 8.80
C TYR B 325 7.29 8.42 8.70
N ALA B 326 8.31 8.47 7.85
CA ALA B 326 9.26 7.39 7.68
C ALA B 326 10.62 7.98 7.29
N ALA B 327 11.68 7.43 7.87
CA ALA B 327 13.02 7.94 7.63
C ALA B 327 14.02 6.80 7.59
N GLN B 328 15.13 7.03 6.89
CA GLN B 328 16.24 6.10 6.86
C GLN B 328 17.49 6.76 6.31
N VAL B 329 18.63 6.23 6.71
CA VAL B 329 19.91 6.61 6.11
C VAL B 329 20.14 5.70 4.88
N VAL B 330 20.75 6.25 3.84
CA VAL B 330 21.03 5.48 2.63
C VAL B 330 22.28 6.01 1.95
N ARG B 331 22.90 5.17 1.13
CA ARG B 331 23.99 5.60 0.24
C ARG B 331 23.40 6.04 -1.10
N MET B 332 23.77 7.22 -1.56
CA MET B 332 23.24 7.77 -2.81
C MET B 332 23.53 6.87 -4.01
N PRO B 333 22.53 6.69 -4.87
CA PRO B 333 22.62 5.74 -5.99
C PRO B 333 23.41 6.23 -7.20
N LYS B 334 23.13 5.62 -8.36
CA LYS B 334 23.72 5.95 -9.67
C LYS B 334 25.16 5.45 -9.83
#